data_2WO6
#
_entry.id   2WO6
#
_cell.length_a   168.430
_cell.length_b   168.430
_cell.length_c   62.420
_cell.angle_alpha   90.00
_cell.angle_beta   90.00
_cell.angle_gamma   120.00
#
_symmetry.space_group_name_H-M   'P 65'
#
loop_
_entity.id
_entity.type
_entity.pdbx_description
1 polymer 'DUAL SPECIFICITY TYROSINE-PHOSPHORYLATION- REGULATED KINASE 1A'
2 polymer 'ARTIFICIAL CONSENSUS SEQUENCE'
3 non-polymer N-(5-{[(2S)-4-amino-2-(3-chlorophenyl)butanoyl]amino}-1H-indazol-3-yl)benzamide
4 non-polymer 'CHLORIDE ION'
5 water water
#
loop_
_entity_poly.entity_id
_entity_poly.type
_entity_poly.pdbx_seq_one_letter_code
_entity_poly.pdbx_strand_id
1 'polypeptide(L)'
;MHHHHHHSSGVDLGTENLYFQSMSSHKKERKVYNDGYDDDNYDYIVKNGEKWMDRYEIDSLIGKGSFGQVVKAYDRVEQE
WVAIKIIKNKKAFLNQAQIEVRLLELMNKHDTEMKYYIVHLKRHFMFRNHLCLVFEMLSYNLYDLLRNTNFRGVSLNLTR
KFAQQMCTALLFLATPELSIIHCDLKPENILLCNPKRSAIKIVDFGSSCQLGQRIYQ(PTR)IQSRFYRSPEVLLGMPYD
LAIDMWSLGCILVEMHTGEPLFSGANEVDQMNKIVEVLGIPPAHILDQAPKARKFFEKLPDGTWNLKKTKDGKREYKPPG
TRKLHNILGVETGGPGGRRAGESGHTVADYLKFKDLILRMLDYDPKTRIQPYYALQHSFFKKTADE
;
A,B
2 'polypeptide(L)' ARPGTPAL C
#
loop_
_chem_comp.id
_chem_comp.type
_chem_comp.name
_chem_comp.formula
CL non-polymer 'CHLORIDE ION' 'Cl -1'
D15 non-polymer N-(5-{[(2S)-4-amino-2-(3-chlorophenyl)butanoyl]amino}-1H-indazol-3-yl)benzamide 'C24 H22 Cl N5 O2'
#
# COMPACT_ATOMS: atom_id res chain seq x y z
N ARG A 30 15.77 37.84 27.74
CA ARG A 30 15.78 38.65 29.00
C ARG A 30 14.45 38.55 29.80
N LYS A 31 13.49 37.81 29.26
CA LYS A 31 12.26 37.46 29.98
C LYS A 31 11.71 36.17 29.35
N VAL A 32 10.84 35.47 30.07
CA VAL A 32 10.60 34.05 29.79
C VAL A 32 9.99 33.77 28.39
N TYR A 33 10.34 32.63 27.80
CA TYR A 33 9.90 32.27 26.45
C TYR A 33 10.21 33.39 25.46
N ASN A 34 11.43 33.92 25.55
CA ASN A 34 11.90 34.94 24.63
C ASN A 34 11.01 36.17 24.70
N ASP A 35 10.81 36.67 25.93
CA ASP A 35 9.92 37.79 26.21
C ASP A 35 8.52 37.52 25.69
N GLY A 36 8.08 36.27 25.71
CA GLY A 36 6.77 35.96 25.20
C GLY A 36 6.61 35.89 23.69
N TYR A 37 7.72 35.89 22.95
CA TYR A 37 7.67 35.75 21.49
C TYR A 37 7.63 34.30 20.99
N ASP A 38 8.08 33.34 21.82
CA ASP A 38 8.19 31.95 21.37
C ASP A 38 7.13 31.01 21.97
N ASP A 39 6.80 29.94 21.25
CA ASP A 39 5.86 28.93 21.75
C ASP A 39 6.67 27.88 22.50
N ASP A 40 6.05 26.77 22.90
CA ASP A 40 6.74 25.70 23.63
C ASP A 40 7.77 24.93 22.83
N ASN A 41 7.78 25.07 21.52
CA ASN A 41 8.68 24.35 20.64
C ASN A 41 9.82 25.26 20.12
N TYR A 42 10.12 26.34 20.85
CA TYR A 42 11.20 27.29 20.48
C TYR A 42 10.95 28.03 19.17
N ASP A 43 9.76 27.90 18.64
CA ASP A 43 9.35 28.65 17.44
C ASP A 43 8.86 30.08 17.72
N TYR A 44 9.17 30.96 16.80
CA TYR A 44 8.62 32.29 16.86
C TYR A 44 7.08 32.23 16.66
N ILE A 45 6.32 32.85 17.56
CA ILE A 45 4.89 32.85 17.40
C ILE A 45 4.57 33.86 16.27
N VAL A 46 4.24 33.33 15.09
CA VAL A 46 3.98 34.15 13.91
C VAL A 46 2.63 34.89 14.01
N LYS A 47 2.66 36.19 13.78
CA LYS A 47 1.47 37.01 13.81
C LYS A 47 1.31 37.69 12.46
N ASN A 48 0.17 37.47 11.82
CA ASN A 48 -0.09 38.07 10.53
C ASN A 48 -0.04 39.60 10.61
N GLY A 49 0.57 40.18 9.59
CA GLY A 49 0.66 41.62 9.47
C GLY A 49 1.77 42.28 10.23
N GLU A 50 2.59 41.51 10.91
CA GLU A 50 3.65 42.08 11.73
C GLU A 50 4.73 42.68 10.81
N LYS A 51 5.32 43.80 11.18
CA LYS A 51 6.36 44.36 10.34
C LYS A 51 7.69 44.24 11.01
N TRP A 52 8.66 43.67 10.31
CA TRP A 52 9.98 43.48 10.89
C TRP A 52 10.98 44.41 10.25
N MET A 53 11.55 45.30 11.06
CA MET A 53 12.67 46.14 10.65
C MET A 53 12.29 47.15 9.63
N ASP A 54 11.14 47.76 9.79
CA ASP A 54 10.65 48.70 8.78
C ASP A 54 10.96 48.21 7.39
N ARG A 55 10.73 46.92 7.15
CA ARG A 55 11.07 46.34 5.87
C ARG A 55 10.14 45.21 5.43
N TYR A 56 10.02 44.16 6.23
CA TYR A 56 9.25 42.96 5.86
C TYR A 56 7.91 43.00 6.53
N GLU A 57 6.86 42.84 5.74
CA GLU A 57 5.50 42.72 6.26
C GLU A 57 5.08 41.28 6.23
N ILE A 58 4.89 40.68 7.40
CA ILE A 58 4.51 39.29 7.48
C ILE A 58 3.06 39.13 7.00
N ASP A 59 2.87 38.21 6.07
CA ASP A 59 1.54 37.88 5.59
C ASP A 59 0.96 36.69 6.32
N SER A 60 1.71 35.60 6.46
CA SER A 60 1.19 34.39 7.10
C SER A 60 2.22 33.32 7.22
N LEU A 61 1.97 32.38 8.12
CA LEU A 61 2.74 31.15 8.25
C LEU A 61 2.37 30.26 7.06
N ILE A 62 3.36 29.82 6.31
CA ILE A 62 3.11 28.87 5.23
C ILE A 62 3.72 27.49 5.42
N GLY A 63 4.54 27.27 6.45
CA GLY A 63 5.12 25.94 6.72
C GLY A 63 5.85 25.83 8.03
N LYS A 64 5.64 24.68 8.67
CA LYS A 64 6.22 24.30 9.95
C LYS A 64 7.16 23.12 9.66
N GLY A 65 8.31 23.11 10.31
CA GLY A 65 9.28 22.04 10.14
C GLY A 65 9.97 21.81 11.46
N SER A 66 10.74 20.74 11.53
CA SER A 66 11.48 20.40 12.73
C SER A 66 12.52 21.49 13.10
N PHE A 67 13.01 22.25 12.12
CA PHE A 67 14.03 23.29 12.37
C PHE A 67 13.52 24.73 12.52
N GLY A 68 12.25 24.93 12.27
CA GLY A 68 11.71 26.25 12.34
C GLY A 68 10.46 26.43 11.49
N GLN A 69 10.29 27.61 10.93
CA GLN A 69 9.06 27.90 10.19
C GLN A 69 9.36 28.74 8.97
N VAL A 70 8.48 28.64 7.98
CA VAL A 70 8.56 29.50 6.82
C VAL A 70 7.33 30.40 6.71
N VAL A 71 7.58 31.70 6.55
CA VAL A 71 6.55 32.68 6.43
C VAL A 71 6.60 33.40 5.09
N LYS A 72 5.42 33.74 4.60
CA LYS A 72 5.28 34.62 3.45
C LYS A 72 5.36 36.08 3.92
N ALA A 73 6.30 36.84 3.36
CA ALA A 73 6.47 38.24 3.72
C ALA A 73 6.57 39.09 2.47
N TYR A 74 6.11 40.32 2.61
CA TYR A 74 6.36 41.29 1.56
C TYR A 74 7.54 42.20 1.93
N ASP A 75 8.52 42.30 1.05
CA ASP A 75 9.68 43.13 1.28
C ASP A 75 9.43 44.48 0.67
N ARG A 76 9.22 45.50 1.50
CA ARG A 76 8.87 46.84 0.96
C ARG A 76 9.99 47.49 0.17
N VAL A 77 11.23 47.16 0.51
CA VAL A 77 12.37 47.77 -0.16
C VAL A 77 12.46 47.28 -1.59
N GLU A 78 12.48 45.95 -1.80
CA GLU A 78 12.56 45.39 -3.13
C GLU A 78 11.21 45.29 -3.82
N GLN A 79 10.12 45.52 -3.07
CA GLN A 79 8.77 45.37 -3.59
C GLN A 79 8.53 44.00 -4.20
N GLU A 80 8.75 42.95 -3.42
CA GLU A 80 8.44 41.59 -3.83
C GLU A 80 8.12 40.74 -2.63
N TRP A 81 7.41 39.63 -2.88
CA TRP A 81 7.15 38.59 -1.90
C TRP A 81 8.42 37.78 -1.73
N VAL A 82 8.68 37.38 -0.49
CA VAL A 82 9.77 36.49 -0.12
C VAL A 82 9.26 35.52 0.88
N ALA A 83 9.95 34.39 1.00
CA ALA A 83 9.70 33.37 2.00
C ALA A 83 10.79 33.57 3.01
N ILE A 84 10.45 33.71 4.28
CA ILE A 84 11.48 33.84 5.32
C ILE A 84 11.43 32.60 6.16
N LYS A 85 12.55 31.89 6.24
CA LYS A 85 12.70 30.74 7.12
C LYS A 85 13.19 31.29 8.44
N ILE A 86 12.38 31.12 9.49
CA ILE A 86 12.72 31.55 10.84
C ILE A 86 13.16 30.35 11.61
N ILE A 87 14.46 30.29 11.91
CA ILE A 87 15.04 29.15 12.63
C ILE A 87 14.51 29.18 14.08
N LYS A 88 14.08 28.03 14.58
CA LYS A 88 13.91 27.85 16.03
C LYS A 88 15.03 28.51 16.89
N ASN A 89 14.62 29.17 17.97
CA ASN A 89 15.50 29.81 18.88
C ASN A 89 16.08 28.76 19.83
N LYS A 90 16.92 27.89 19.28
CA LYS A 90 17.66 26.96 20.09
C LYS A 90 18.97 26.64 19.42
N LYS A 91 20.05 26.51 20.19
CA LYS A 91 21.38 26.41 19.55
C LYS A 91 21.51 25.30 18.50
N ALA A 92 20.99 24.11 18.79
CA ALA A 92 21.10 22.98 17.84
C ALA A 92 20.57 23.38 16.44
N PHE A 93 19.42 24.05 16.38
CA PHE A 93 18.81 24.42 15.12
C PHE A 93 19.59 25.56 14.49
N LEU A 94 19.98 26.54 15.30
CA LEU A 94 20.74 27.66 14.79
C LEU A 94 21.98 27.14 14.08
N ASN A 95 22.62 26.15 14.66
CA ASN A 95 23.81 25.56 14.10
C ASN A 95 23.65 25.03 12.70
N GLN A 96 22.57 24.31 12.40
CA GLN A 96 22.42 23.80 11.04
C GLN A 96 22.04 24.91 10.07
N ALA A 97 21.37 25.94 10.57
CA ALA A 97 20.99 27.05 9.71
C ALA A 97 22.26 27.83 9.31
N GLN A 98 23.23 27.92 10.21
CA GLN A 98 24.48 28.58 9.87
C GLN A 98 25.22 27.84 8.77
N ILE A 99 25.19 26.52 8.84
CA ILE A 99 25.76 25.70 7.79
C ILE A 99 25.04 25.95 6.46
N GLU A 100 23.72 26.05 6.47
CA GLU A 100 22.97 26.31 5.23
C GLU A 100 23.40 27.65 4.62
N VAL A 101 23.59 28.67 5.45
CA VAL A 101 23.99 29.98 4.98
C VAL A 101 25.36 29.95 4.29
N ARG A 102 26.35 29.30 4.88
CA ARG A 102 27.67 29.27 4.28
C ARG A 102 27.62 28.58 2.93
N LEU A 103 26.88 27.48 2.84
CA LEU A 103 26.82 26.73 1.59
C LEU A 103 26.08 27.45 0.47
N LEU A 104 24.98 28.10 0.85
CA LEU A 104 24.21 28.92 -0.07
C LEU A 104 25.03 30.13 -0.56
N GLU A 105 25.74 30.80 0.35
CA GLU A 105 26.57 31.93 -0.05
C GLU A 105 27.74 31.51 -0.91
N LEU A 106 28.21 30.27 -0.72
CA LEU A 106 29.26 29.70 -1.56
C LEU A 106 28.74 29.43 -2.97
N MET A 107 27.53 28.89 -3.05
CA MET A 107 26.91 28.57 -4.32
C MET A 107 26.65 29.85 -5.10
N ASN A 108 26.14 30.91 -4.46
CA ASN A 108 25.91 32.09 -5.29
C ASN A 108 27.16 32.83 -5.77
N LYS A 109 28.35 32.44 -5.31
CA LYS A 109 29.55 32.93 -5.97
C LYS A 109 29.98 32.11 -7.21
N HIS A 110 29.14 31.15 -7.63
CA HIS A 110 29.27 30.54 -8.96
C HIS A 110 28.34 31.16 -10.01
N ASP A 111 28.97 31.78 -11.02
CA ASP A 111 28.34 32.34 -12.23
C ASP A 111 28.12 31.21 -13.24
N THR A 112 27.02 30.49 -13.11
CA THR A 112 26.56 29.51 -14.12
C THR A 112 25.02 29.44 -14.10
N GLU A 113 24.43 29.22 -15.26
CA GLU A 113 22.98 29.05 -15.36
C GLU A 113 22.52 27.87 -14.50
N MET A 114 23.43 26.92 -14.22
CA MET A 114 23.09 25.73 -13.38
C MET A 114 22.66 26.04 -11.92
N LYS A 115 23.12 27.15 -11.35
CA LYS A 115 22.76 27.45 -9.95
C LYS A 115 21.30 27.88 -9.81
N TYR A 116 20.66 28.13 -10.94
CA TYR A 116 19.25 28.46 -10.93
C TYR A 116 18.33 27.30 -10.52
N TYR A 117 18.82 26.04 -10.49
CA TYR A 117 18.04 24.90 -9.98
C TYR A 117 18.15 24.74 -8.45
N ILE A 118 18.86 25.67 -7.81
CA ILE A 118 19.01 25.75 -6.35
C ILE A 118 18.31 27.01 -5.86
N VAL A 119 17.51 26.87 -4.82
CA VAL A 119 16.78 28.01 -4.26
C VAL A 119 17.76 29.13 -3.90
N HIS A 120 17.42 30.36 -4.22
CA HIS A 120 18.29 31.48 -3.96
C HIS A 120 18.10 32.13 -2.56
N LEU A 121 19.16 32.17 -1.77
CA LEU A 121 19.18 32.94 -0.50
C LEU A 121 19.46 34.41 -0.81
N LYS A 122 18.54 35.31 -0.52
CA LYS A 122 18.75 36.74 -0.77
C LYS A 122 19.59 37.37 0.34
N ARG A 123 19.25 37.07 1.60
CA ARG A 123 20.02 37.59 2.70
C ARG A 123 19.63 36.90 3.97
N HIS A 124 20.32 37.25 5.05
CA HIS A 124 19.95 36.70 6.34
C HIS A 124 20.07 37.79 7.41
N PHE A 125 19.36 37.61 8.50
CA PHE A 125 19.50 38.49 9.63
C PHE A 125 18.96 37.83 10.90
N MET A 126 19.32 38.40 12.04
CA MET A 126 18.89 37.93 13.33
C MET A 126 17.69 38.79 13.66
N PHE A 127 16.63 38.18 14.18
CA PHE A 127 15.45 38.95 14.56
C PHE A 127 14.77 38.35 15.78
N ARG A 128 14.73 39.13 16.85
CA ARG A 128 14.26 38.69 18.14
C ARG A 128 14.78 37.30 18.52
N ASN A 129 16.10 37.13 18.38
CA ASN A 129 16.81 35.89 18.70
C ASN A 129 16.51 34.67 17.85
N HIS A 130 15.94 34.87 16.67
CA HIS A 130 15.86 33.81 15.66
C HIS A 130 16.71 34.16 14.43
N LEU A 131 17.46 33.19 13.90
CA LEU A 131 18.14 33.40 12.61
C LEU A 131 17.08 33.31 11.52
N CYS A 132 17.10 34.26 10.60
CA CYS A 132 16.12 34.34 9.53
C CYS A 132 16.79 34.38 8.15
N LEU A 133 16.42 33.46 7.27
CA LEU A 133 16.99 33.38 5.95
C LEU A 133 15.92 33.83 5.01
N VAL A 134 16.22 34.84 4.19
CA VAL A 134 15.23 35.33 3.25
C VAL A 134 15.43 34.64 1.91
N PHE A 135 14.44 33.86 1.47
CA PHE A 135 14.54 33.15 0.19
C PHE A 135 13.60 33.76 -0.87
N GLU A 136 13.91 33.54 -2.14
CA GLU A 136 12.94 33.76 -3.20
C GLU A 136 11.69 32.94 -2.93
N MET A 137 10.56 33.46 -3.37
CA MET A 137 9.28 32.81 -3.13
C MET A 137 9.08 31.77 -4.23
N LEU A 138 8.89 30.51 -3.79
CA LEU A 138 8.60 29.38 -4.66
C LEU A 138 7.24 28.79 -4.36
N SER A 139 6.72 28.01 -5.30
CA SER A 139 5.43 27.37 -5.12
C SER A 139 5.58 26.04 -4.35
N TYR A 140 4.66 25.09 -4.52
CA TYR A 140 4.64 23.93 -3.61
C TYR A 140 5.58 22.80 -3.96
N ASN A 141 5.81 21.88 -3.01
CA ASN A 141 6.83 20.84 -3.15
C ASN A 141 6.29 19.64 -3.89
N LEU A 142 7.17 18.73 -4.27
CA LEU A 142 6.78 17.61 -5.09
C LEU A 142 5.89 16.58 -4.39
N TYR A 143 5.95 16.51 -3.07
CA TYR A 143 5.01 15.69 -2.32
C TYR A 143 3.59 16.24 -2.44
N ASP A 144 3.45 17.57 -2.35
CA ASP A 144 2.15 18.22 -2.51
C ASP A 144 1.70 18.05 -3.95
N LEU A 145 2.63 18.05 -4.90
CA LEU A 145 2.27 17.87 -6.30
C LEU A 145 1.60 16.49 -6.44
N LEU A 146 2.25 15.48 -5.84
CA LEU A 146 1.78 14.12 -5.85
C LEU A 146 0.44 14.03 -5.21
N ARG A 147 0.29 14.67 -4.05
CA ARG A 147 -0.98 14.65 -3.31
C ARG A 147 -2.09 15.18 -4.20
N ASN A 148 -1.78 16.15 -5.03
CA ASN A 148 -2.77 16.73 -5.94
C ASN A 148 -3.16 15.87 -7.14
N THR A 149 -2.31 14.93 -7.53
CA THR A 149 -2.67 13.87 -8.47
C THR A 149 -3.39 12.68 -7.77
N ASN A 150 -3.78 12.84 -6.51
CA ASN A 150 -4.30 11.74 -5.71
C ASN A 150 -3.33 10.53 -5.69
N PHE A 151 -2.03 10.85 -5.71
CA PHE A 151 -0.97 9.89 -5.72
C PHE A 151 -1.02 8.92 -6.95
N ARG A 152 -1.61 9.40 -8.05
CA ARG A 152 -1.57 8.66 -9.32
C ARG A 152 -0.23 8.87 -10.07
N GLY A 153 0.52 9.92 -9.71
CA GLY A 153 1.82 10.22 -10.34
C GLY A 153 1.69 11.28 -11.43
N VAL A 154 2.81 11.85 -11.86
CA VAL A 154 2.86 12.75 -12.99
C VAL A 154 3.35 11.95 -14.18
N SER A 155 3.16 12.50 -15.39
CA SER A 155 3.47 11.82 -16.64
C SER A 155 4.95 11.60 -16.77
N LEU A 156 5.34 10.78 -17.74
CA LEU A 156 6.74 10.47 -17.98
C LEU A 156 7.43 11.73 -18.50
N ASN A 157 6.74 12.46 -19.38
CA ASN A 157 7.27 13.72 -19.91
C ASN A 157 7.64 14.69 -18.79
N LEU A 158 6.79 14.78 -17.80
CA LEU A 158 7.03 15.70 -16.72
C LEU A 158 8.13 15.17 -15.79
N THR A 159 8.15 13.85 -15.62
CA THR A 159 9.19 13.21 -14.85
C THR A 159 10.53 13.41 -15.50
N ARG A 160 10.60 13.32 -16.85
CA ARG A 160 11.82 13.56 -17.57
C ARG A 160 12.32 15.01 -17.33
N LYS A 161 11.44 16.00 -17.43
CA LYS A 161 11.84 17.38 -17.19
C LYS A 161 12.38 17.60 -15.76
N PHE A 162 11.75 16.95 -14.80
CA PHE A 162 12.24 17.00 -13.42
C PHE A 162 13.58 16.31 -13.27
N ALA A 163 13.74 15.16 -13.95
CA ALA A 163 15.01 14.43 -13.92
C ALA A 163 16.17 15.24 -14.48
N GLN A 164 15.94 15.99 -15.59
CA GLN A 164 17.00 16.70 -16.28
C GLN A 164 17.46 17.87 -15.42
N GLN A 165 16.53 18.54 -14.80
CA GLN A 165 16.83 19.67 -13.93
C GLN A 165 17.59 19.22 -12.67
N MET A 166 17.19 18.08 -12.10
CA MET A 166 17.86 17.55 -10.91
C MET A 166 19.26 17.02 -11.22
N CYS A 167 19.43 16.34 -12.36
CA CYS A 167 20.77 16.00 -12.80
C CYS A 167 21.62 17.26 -12.96
N THR A 168 21.07 18.32 -13.56
CA THR A 168 21.79 19.58 -13.72
C THR A 168 22.15 20.26 -12.34
N ALA A 169 21.21 20.25 -11.40
CA ALA A 169 21.48 20.68 -10.03
C ALA A 169 22.61 19.83 -9.41
N LEU A 170 22.56 18.52 -9.61
CA LEU A 170 23.61 17.66 -9.05
C LEU A 170 24.95 17.87 -9.73
N LEU A 171 24.93 18.20 -11.02
CA LEU A 171 26.15 18.61 -11.73
C LEU A 171 26.75 19.87 -11.13
N PHE A 172 25.88 20.83 -10.83
CA PHE A 172 26.30 22.07 -10.18
C PHE A 172 26.99 21.76 -8.85
N LEU A 173 26.28 21.02 -7.98
CA LEU A 173 26.82 20.66 -6.69
C LEU A 173 28.18 19.90 -6.73
N ALA A 174 28.44 19.20 -7.83
CA ALA A 174 29.67 18.43 -7.99
C ALA A 174 30.82 19.28 -8.46
N THR A 175 30.55 20.53 -8.84
CA THR A 175 31.65 21.44 -9.17
C THR A 175 32.72 21.27 -8.09
N PRO A 176 33.99 21.00 -8.49
CA PRO A 176 35.02 20.63 -7.51
C PRO A 176 35.16 21.54 -6.29
N GLU A 177 35.11 22.83 -6.55
CA GLU A 177 35.22 23.84 -5.50
C GLU A 177 33.97 23.93 -4.57
N LEU A 178 32.84 23.35 -5.01
CA LEU A 178 31.70 23.19 -4.12
C LEU A 178 31.74 21.76 -3.49
N SER A 179 31.58 20.72 -4.32
CA SER A 179 31.57 19.34 -3.84
C SER A 179 30.58 19.17 -2.67
N ILE A 180 29.37 19.70 -2.86
CA ILE A 180 28.35 19.76 -1.85
C ILE A 180 27.51 18.49 -1.98
N ILE A 181 27.30 17.80 -0.87
CA ILE A 181 26.30 16.73 -0.75
C ILE A 181 25.06 17.28 -0.03
N HIS A 182 23.91 17.28 -0.70
CA HIS A 182 22.71 17.79 -0.12
C HIS A 182 22.32 17.00 1.15
N CYS A 183 22.35 15.67 1.04
CA CYS A 183 22.11 14.72 2.13
C CYS A 183 20.65 14.53 2.52
N ASP A 184 19.71 15.28 1.94
CA ASP A 184 18.32 15.03 2.27
C ASP A 184 17.38 15.24 1.11
N LEU A 185 17.76 14.78 -0.07
CA LEU A 185 16.89 14.92 -1.22
C LEU A 185 15.70 14.03 -1.07
N LYS A 186 14.53 14.62 -1.31
CA LYS A 186 13.26 13.92 -1.28
C LYS A 186 12.18 14.84 -1.91
N PRO A 187 10.97 14.34 -2.12
CA PRO A 187 10.01 15.20 -2.82
C PRO A 187 9.65 16.50 -2.06
N GLU A 188 9.65 16.45 -0.73
CA GLU A 188 9.38 17.63 0.08
C GLU A 188 10.47 18.71 0.05
N ASN A 189 11.65 18.35 -0.45
CA ASN A 189 12.74 19.33 -0.63
C ASN A 189 12.97 19.76 -2.05
N ILE A 190 12.06 19.44 -2.96
CA ILE A 190 12.12 19.97 -4.33
C ILE A 190 10.82 20.77 -4.52
N LEU A 191 10.94 22.04 -4.88
CA LEU A 191 9.79 22.92 -5.04
C LEU A 191 9.65 23.38 -6.46
N LEU A 192 8.41 23.47 -6.92
CA LEU A 192 8.10 24.06 -8.19
C LEU A 192 8.29 25.54 -8.03
N CYS A 193 8.76 26.21 -9.09
CA CYS A 193 8.78 27.66 -9.11
C CYS A 193 7.38 28.19 -9.14
N ASN A 194 6.52 27.52 -9.89
CA ASN A 194 5.16 28.00 -10.14
C ASN A 194 4.25 26.82 -10.39
N PRO A 195 3.03 26.88 -9.90
CA PRO A 195 2.12 25.75 -10.12
C PRO A 195 1.80 25.40 -11.59
N LYS A 196 1.94 26.35 -12.53
CA LYS A 196 1.57 26.14 -13.95
C LYS A 196 2.78 25.79 -14.84
N ARG A 197 3.93 25.58 -14.22
CA ARG A 197 5.19 25.44 -14.94
C ARG A 197 5.94 24.24 -14.40
N SER A 198 6.89 23.77 -15.18
CA SER A 198 7.64 22.61 -14.77
C SER A 198 8.99 22.91 -14.12
N ALA A 199 9.38 24.17 -13.97
CA ALA A 199 10.70 24.49 -13.40
C ALA A 199 10.75 24.13 -11.91
N ILE A 200 11.83 23.49 -11.46
CA ILE A 200 11.98 23.14 -10.06
C ILE A 200 13.30 23.60 -9.40
N LYS A 201 13.30 23.78 -8.09
CA LYS A 201 14.52 24.05 -7.37
C LYS A 201 14.65 23.20 -6.13
N ILE A 202 15.90 22.89 -5.78
CA ILE A 202 16.20 22.16 -4.57
C ILE A 202 16.29 23.12 -3.38
N VAL A 203 15.58 22.79 -2.29
CA VAL A 203 15.67 23.58 -1.04
C VAL A 203 16.31 22.77 0.10
N ASP A 204 16.59 23.51 1.16
CA ASP A 204 16.95 23.00 2.46
C ASP A 204 18.33 22.35 2.51
N PHE A 205 19.35 23.17 2.58
CA PHE A 205 20.70 22.64 2.63
C PHE A 205 21.12 22.51 4.09
N GLY A 206 20.12 22.26 4.94
CA GLY A 206 20.35 22.28 6.40
C GLY A 206 21.10 21.06 6.90
N SER A 207 21.00 19.95 6.18
CA SER A 207 21.74 18.75 6.53
C SER A 207 22.94 18.52 5.62
N SER A 208 23.30 19.52 4.83
CA SER A 208 24.29 19.35 3.78
C SER A 208 25.68 19.56 4.33
N CYS A 209 26.62 19.05 3.57
CA CYS A 209 28.04 19.18 3.84
C CYS A 209 28.81 19.21 2.53
N GLN A 210 30.07 19.54 2.63
CA GLN A 210 31.04 19.43 1.55
C GLN A 210 31.86 18.18 1.79
N LEU A 211 32.32 17.60 0.70
CA LEU A 211 33.20 16.46 0.75
C LEU A 211 34.45 16.78 1.62
N GLY A 212 34.86 15.84 2.47
CA GLY A 212 35.97 16.06 3.40
C GLY A 212 35.59 16.55 4.81
N GLN A 213 34.29 16.47 5.17
CA GLN A 213 33.84 16.86 6.52
C GLN A 213 33.50 15.60 7.38
N ARG A 214 32.53 15.70 8.30
CA ARG A 214 32.20 14.62 9.22
C ARG A 214 31.25 13.65 8.54
N ILE A 215 31.54 12.36 8.52
CA ILE A 215 30.58 11.38 7.99
C ILE A 215 29.69 10.97 9.19
N TYR A 216 28.42 10.68 8.92
CA TYR A 216 27.45 10.41 9.99
C TYR A 216 26.75 9.09 9.74
N GLN A 217 26.33 8.45 10.81
CA GLN A 217 25.69 7.15 10.68
C GLN A 217 24.35 7.30 10.01
N PTR A 218 23.57 8.24 10.51
CA PTR A 218 22.14 8.14 10.28
C PTR A 218 21.59 9.36 9.52
O PTR A 218 20.79 10.11 10.05
CB PTR A 218 21.70 7.97 11.73
CG PTR A 218 20.30 7.50 11.90
CD1 PTR A 218 19.93 6.19 11.61
CD2 PTR A 218 19.33 8.38 12.37
CE1 PTR A 218 18.61 5.79 11.75
CE2 PTR A 218 18.02 7.99 12.53
CZ PTR A 218 17.67 6.70 12.23
OH PTR A 218 16.49 6.40 12.38
P PTR A 218 15.54 6.78 11.16
O1P PTR A 218 14.20 7.21 11.64
O2P PTR A 218 16.15 7.97 10.37
O3P PTR A 218 15.57 5.48 10.33
N ILE A 219 22.03 9.55 8.29
CA ILE A 219 21.62 10.71 7.50
C ILE A 219 20.70 10.28 6.38
N GLN A 220 20.04 11.24 5.79
CA GLN A 220 19.07 11.02 4.74
C GLN A 220 17.78 10.50 5.36
N SER A 221 16.65 10.91 4.82
CA SER A 221 15.36 10.42 5.24
C SER A 221 15.30 9.00 4.71
N ARG A 222 14.67 8.14 5.52
CA ARG A 222 14.84 6.70 5.43
C ARG A 222 14.54 6.13 4.04
N PHE A 223 13.38 6.49 3.50
CA PHE A 223 12.97 5.99 2.18
C PHE A 223 14.02 6.27 1.08
N TYR A 224 14.82 7.33 1.26
CA TYR A 224 15.74 7.83 0.21
C TYR A 224 17.19 7.59 0.59
N ARG A 225 17.39 6.83 1.65
CA ARG A 225 18.73 6.58 2.23
C ARG A 225 19.47 5.51 1.44
N SER A 226 20.68 5.84 1.02
CA SER A 226 21.49 4.95 0.20
C SER A 226 22.03 3.74 0.94
N PRO A 227 22.49 2.73 0.19
CA PRO A 227 22.99 1.53 0.87
C PRO A 227 24.28 1.77 1.64
N GLU A 228 25.15 2.64 1.13
CA GLU A 228 26.39 2.91 1.80
C GLU A 228 26.17 3.52 3.20
N VAL A 229 25.17 4.40 3.32
CA VAL A 229 24.83 4.99 4.62
C VAL A 229 24.11 4.00 5.54
N LEU A 230 23.16 3.25 5.00
CA LEU A 230 22.50 2.23 5.77
C LEU A 230 23.55 1.27 6.34
N LEU A 231 24.63 1.06 5.60
CA LEU A 231 25.67 0.13 6.00
C LEU A 231 26.79 0.78 6.83
N GLY A 232 26.64 2.09 7.11
CA GLY A 232 27.58 2.82 7.90
C GLY A 232 28.91 2.95 7.22
N MET A 233 28.88 3.10 5.90
CA MET A 233 30.12 3.27 5.11
C MET A 233 30.38 4.72 4.77
N PRO A 234 31.63 5.04 4.35
CA PRO A 234 31.93 6.40 3.89
C PRO A 234 31.10 6.72 2.67
N TYR A 235 30.70 7.97 2.53
CA TYR A 235 29.79 8.32 1.48
C TYR A 235 30.22 9.61 0.84
N ASP A 236 29.68 9.85 -0.34
CA ASP A 236 30.08 10.99 -1.09
C ASP A 236 28.89 11.47 -1.91
N LEU A 237 29.12 12.22 -2.99
CA LEU A 237 28.00 12.87 -3.75
C LEU A 237 27.04 11.86 -4.35
N ALA A 238 27.50 10.64 -4.52
CA ALA A 238 26.68 9.60 -5.08
C ALA A 238 25.43 9.30 -4.25
N ILE A 239 25.41 9.63 -2.95
CA ILE A 239 24.20 9.36 -2.13
C ILE A 239 23.03 10.21 -2.63
N ASP A 240 23.29 11.40 -3.14
CA ASP A 240 22.25 12.22 -3.70
C ASP A 240 21.67 11.58 -4.97
N MET A 241 22.52 10.97 -5.80
CA MET A 241 22.04 10.33 -7.01
C MET A 241 21.13 9.12 -6.68
N TRP A 242 21.49 8.34 -5.66
CA TRP A 242 20.60 7.31 -5.18
C TRP A 242 19.23 7.89 -4.82
N SER A 243 19.21 9.01 -4.09
CA SER A 243 17.96 9.62 -3.66
C SER A 243 17.18 9.98 -4.86
N LEU A 244 17.84 10.56 -5.86
CA LEU A 244 17.16 11.05 -7.05
C LEU A 244 16.49 9.90 -7.80
N GLY A 245 17.14 8.76 -7.83
CA GLY A 245 16.56 7.60 -8.53
C GLY A 245 15.26 7.16 -7.87
N CYS A 246 15.31 7.11 -6.54
CA CYS A 246 14.14 6.77 -5.75
C CYS A 246 13.05 7.79 -6.00
N ILE A 247 13.42 9.07 -6.04
CA ILE A 247 12.48 10.14 -6.21
C ILE A 247 11.75 10.05 -7.56
N LEU A 248 12.51 9.86 -8.64
CA LEU A 248 11.95 9.88 -9.98
C LEU A 248 10.95 8.74 -10.15
N VAL A 249 11.25 7.56 -9.62
CA VAL A 249 10.29 6.46 -9.74
C VAL A 249 9.02 6.89 -9.04
N GLU A 250 9.17 7.45 -7.84
CA GLU A 250 8.02 7.83 -7.04
C GLU A 250 7.16 8.92 -7.70
N MET A 251 7.80 9.84 -8.42
CA MET A 251 7.07 10.87 -9.13
C MET A 251 6.15 10.28 -10.18
N HIS A 252 6.56 9.20 -10.81
CA HIS A 252 5.77 8.60 -11.86
C HIS A 252 4.78 7.58 -11.31
N THR A 253 5.19 6.80 -10.31
CA THR A 253 4.27 5.77 -9.73
C THR A 253 3.37 6.35 -8.65
N GLY A 254 3.71 7.52 -8.12
CA GLY A 254 2.94 8.15 -7.07
C GLY A 254 3.22 7.61 -5.67
N GLU A 255 4.21 6.76 -5.57
CA GLU A 255 4.41 5.91 -4.38
C GLU A 255 5.91 5.76 -4.11
N PRO A 256 6.33 5.77 -2.85
CA PRO A 256 7.76 5.59 -2.62
C PRO A 256 8.23 4.23 -3.08
N LEU A 257 9.42 4.20 -3.67
CA LEU A 257 9.98 2.98 -4.18
C LEU A 257 10.25 2.00 -3.05
N PHE A 258 10.97 2.51 -2.03
CA PHE A 258 11.41 1.73 -0.88
C PHE A 258 10.90 2.34 0.41
N SER A 259 9.75 1.90 0.89
CA SER A 259 9.06 2.51 2.02
C SER A 259 9.35 1.75 3.31
N GLY A 260 10.56 1.92 3.82
CA GLY A 260 10.93 1.28 5.09
C GLY A 260 10.37 1.95 6.34
N ALA A 261 9.88 1.13 7.26
CA ALA A 261 9.43 1.54 8.61
C ALA A 261 10.62 1.67 9.56
N ASN A 262 11.72 1.05 9.18
CA ASN A 262 12.97 1.15 9.90
C ASN A 262 14.11 0.68 9.01
N GLU A 263 15.34 0.79 9.50
CA GLU A 263 16.50 0.51 8.65
C GLU A 263 16.58 -0.94 8.17
N VAL A 264 16.21 -1.88 9.02
CA VAL A 264 16.16 -3.28 8.60
C VAL A 264 15.13 -3.49 7.49
N ASP A 265 13.92 -2.96 7.71
CA ASP A 265 12.85 -2.99 6.72
C ASP A 265 13.29 -2.24 5.45
N GLN A 266 13.97 -1.11 5.62
CA GLN A 266 14.44 -0.33 4.48
C GLN A 266 15.39 -1.12 3.61
N MET A 267 16.37 -1.74 4.24
CA MET A 267 17.35 -2.54 3.52
C MET A 267 16.73 -3.77 2.85
N ASN A 268 15.84 -4.44 3.56
CA ASN A 268 15.08 -5.54 2.96
C ASN A 268 14.29 -5.13 1.74
N LYS A 269 13.70 -3.94 1.79
CA LYS A 269 12.92 -3.44 0.66
C LYS A 269 13.80 -3.13 -0.53
N ILE A 270 14.98 -2.60 -0.28
CA ILE A 270 15.94 -2.35 -1.35
C ILE A 270 16.37 -3.72 -1.96
N VAL A 271 16.62 -4.71 -1.12
CA VAL A 271 17.01 -6.03 -1.59
C VAL A 271 15.91 -6.78 -2.39
N GLU A 272 14.64 -6.50 -2.12
CA GLU A 272 13.57 -7.11 -2.92
C GLU A 272 13.73 -6.75 -4.40
N VAL A 273 14.12 -5.51 -4.67
CA VAL A 273 14.18 -5.00 -6.02
C VAL A 273 15.56 -5.23 -6.66
N LEU A 274 16.63 -5.01 -5.92
CA LEU A 274 17.95 -4.93 -6.53
C LEU A 274 18.88 -6.11 -6.20
N GLY A 275 18.43 -7.01 -5.34
CA GLY A 275 19.24 -8.14 -4.94
C GLY A 275 20.11 -7.82 -3.74
N ILE A 276 20.84 -8.82 -3.28
CA ILE A 276 21.78 -8.72 -2.17
C ILE A 276 22.95 -7.86 -2.66
N PRO A 277 23.44 -6.95 -1.82
CA PRO A 277 24.54 -6.16 -2.32
C PRO A 277 25.78 -7.02 -2.66
N PRO A 278 26.67 -6.51 -3.50
CA PRO A 278 27.89 -7.25 -3.83
C PRO A 278 28.72 -7.60 -2.60
N ALA A 279 29.36 -8.76 -2.62
CA ALA A 279 30.20 -9.18 -1.52
C ALA A 279 31.33 -8.16 -1.21
N HIS A 280 31.84 -7.46 -2.23
CA HIS A 280 32.97 -6.55 -2.00
C HIS A 280 32.55 -5.34 -1.19
N ILE A 281 31.30 -4.94 -1.32
CA ILE A 281 30.79 -3.89 -0.47
C ILE A 281 30.54 -4.44 0.93
N LEU A 282 29.77 -5.50 1.02
CA LEU A 282 29.36 -6.02 2.31
C LEU A 282 30.54 -6.39 3.23
N ASP A 283 31.65 -6.84 2.65
CA ASP A 283 32.87 -7.15 3.41
C ASP A 283 33.53 -5.91 4.03
N GLN A 284 33.24 -4.73 3.49
CA GLN A 284 33.74 -3.45 4.00
C GLN A 284 32.75 -2.71 4.85
N ALA A 285 31.48 -3.10 4.86
CA ALA A 285 30.41 -2.36 5.55
C ALA A 285 30.48 -2.66 7.04
N PRO A 286 30.68 -1.62 7.88
CA PRO A 286 30.63 -1.85 9.36
C PRO A 286 29.30 -2.45 9.88
N LYS A 287 28.17 -2.04 9.31
CA LYS A 287 26.86 -2.48 9.78
C LYS A 287 26.30 -3.64 8.92
N ALA A 288 27.16 -4.41 8.24
CA ALA A 288 26.73 -5.53 7.38
C ALA A 288 25.88 -6.58 8.12
N ARG A 289 26.30 -6.94 9.32
CA ARG A 289 25.66 -7.96 10.14
C ARG A 289 24.37 -7.50 10.81
N LYS A 290 24.01 -6.23 10.66
CA LYS A 290 22.74 -5.76 11.10
C LYS A 290 21.65 -6.40 10.18
N PHE A 291 22.00 -6.56 8.90
CA PHE A 291 21.11 -7.05 7.88
C PHE A 291 21.48 -8.40 7.24
N PHE A 292 22.77 -8.73 7.15
CA PHE A 292 23.19 -9.90 6.37
C PHE A 292 24.04 -10.79 7.22
N GLU A 293 24.09 -12.08 6.87
CA GLU A 293 25.09 -12.98 7.40
C GLU A 293 25.82 -13.72 6.26
N LYS A 294 26.96 -14.32 6.59
CA LYS A 294 27.75 -15.10 5.65
C LYS A 294 27.55 -16.56 5.96
N LEU A 295 27.22 -17.37 4.97
CA LEU A 295 27.03 -18.81 5.17
C LEU A 295 28.40 -19.48 5.29
N PRO A 296 28.46 -20.74 5.69
CA PRO A 296 29.79 -21.33 5.78
C PRO A 296 30.58 -21.40 4.45
N ASP A 297 29.91 -21.25 3.30
CA ASP A 297 30.65 -21.14 2.03
C ASP A 297 31.17 -19.74 1.70
N GLY A 298 31.02 -18.79 2.60
CA GLY A 298 31.45 -17.43 2.32
C GLY A 298 30.41 -16.53 1.64
N THR A 299 29.33 -17.08 1.09
CA THR A 299 28.37 -16.23 0.43
C THR A 299 27.65 -15.37 1.45
N TRP A 300 27.16 -14.23 1.02
CA TRP A 300 26.35 -13.36 1.84
C TRP A 300 24.85 -13.60 1.60
N ASN A 301 24.10 -13.65 2.69
CA ASN A 301 22.66 -13.81 2.66
C ASN A 301 21.95 -12.85 3.60
N LEU A 302 20.66 -12.64 3.38
CA LEU A 302 19.85 -11.88 4.32
C LEU A 302 19.75 -12.58 5.65
N LYS A 303 19.75 -11.81 6.73
CA LYS A 303 19.28 -12.32 8.00
C LYS A 303 17.76 -12.31 8.00
N LYS A 304 17.17 -13.44 8.35
CA LYS A 304 15.72 -13.54 8.56
C LYS A 304 15.42 -13.40 10.05
N THR A 305 14.61 -12.41 10.39
CA THR A 305 14.15 -12.17 11.75
C THR A 305 13.14 -13.23 12.19
N ARG A 310 7.18 -10.16 9.28
CA ARG A 310 7.36 -9.67 7.92
C ARG A 310 8.13 -10.71 7.12
N GLU A 311 7.61 -11.06 5.94
CA GLU A 311 8.32 -11.90 4.99
C GLU A 311 8.45 -11.16 3.69
N TYR A 312 9.64 -11.23 3.12
CA TYR A 312 9.95 -10.45 1.93
C TYR A 312 10.00 -11.33 0.70
N LYS A 313 9.76 -10.68 -0.43
CA LYS A 313 10.01 -11.30 -1.73
C LYS A 313 11.51 -11.66 -1.83
N PRO A 314 11.83 -12.83 -2.39
CA PRO A 314 13.22 -13.22 -2.63
C PRO A 314 14.06 -12.14 -3.34
N PRO A 315 15.37 -12.07 -3.02
CA PRO A 315 16.23 -11.02 -3.52
C PRO A 315 16.13 -10.80 -5.03
N GLY A 316 15.91 -9.55 -5.47
CA GLY A 316 15.89 -9.22 -6.87
C GLY A 316 14.64 -9.62 -7.65
N THR A 317 13.59 -10.08 -6.97
CA THR A 317 12.42 -10.58 -7.65
C THR A 317 11.30 -9.54 -7.83
N ARG A 318 11.41 -8.40 -7.18
CA ARG A 318 10.46 -7.29 -7.38
C ARG A 318 11.08 -6.35 -8.42
N LYS A 319 10.87 -6.67 -9.68
CA LYS A 319 11.52 -5.97 -10.77
C LYS A 319 10.94 -4.57 -10.96
N LEU A 320 11.84 -3.62 -11.11
CA LEU A 320 11.49 -2.27 -11.52
C LEU A 320 10.75 -2.30 -12.85
N HIS A 321 11.08 -3.26 -13.70
CA HIS A 321 10.39 -3.50 -14.96
C HIS A 321 8.90 -3.62 -14.77
N ASN A 322 8.51 -4.28 -13.70
CA ASN A 322 7.11 -4.49 -13.42
C ASN A 322 6.49 -3.36 -12.56
N ILE A 323 7.26 -2.81 -11.63
CA ILE A 323 6.80 -1.68 -10.85
C ILE A 323 6.46 -0.52 -11.78
N LEU A 324 7.29 -0.27 -12.80
CA LEU A 324 7.00 0.78 -13.78
C LEU A 324 5.99 0.38 -14.83
N GLY A 325 5.64 -0.91 -14.90
CA GLY A 325 4.70 -1.39 -15.86
C GLY A 325 5.15 -1.07 -17.29
N VAL A 326 6.41 -1.40 -17.60
CA VAL A 326 6.98 -1.21 -18.93
C VAL A 326 6.10 -1.69 -20.12
N GLU A 327 5.55 -2.90 -20.03
CA GLU A 327 4.80 -3.46 -21.13
C GLU A 327 3.27 -3.41 -20.92
N THR A 328 2.82 -2.89 -19.78
CA THR A 328 1.45 -3.03 -19.37
C THR A 328 0.81 -1.69 -19.06
N GLY A 329 1.24 -0.63 -19.74
CA GLY A 329 0.56 0.63 -19.62
C GLY A 329 0.99 1.49 -18.46
N GLY A 330 2.19 1.29 -17.97
CA GLY A 330 2.73 2.14 -16.91
C GLY A 330 2.25 1.72 -15.53
N PRO A 331 2.62 2.49 -14.50
CA PRO A 331 2.31 2.07 -13.10
C PRO A 331 0.79 1.92 -12.91
N GLY A 332 0.38 0.74 -12.49
CA GLY A 332 -1.02 0.39 -12.40
C GLY A 332 -1.89 0.49 -13.64
N GLY A 333 -1.29 0.45 -14.83
CA GLY A 333 -2.08 0.56 -16.07
C GLY A 333 -2.61 1.96 -16.33
N ARG A 334 -2.15 2.93 -15.56
CA ARG A 334 -2.73 4.27 -15.54
C ARG A 334 -2.28 5.15 -16.71
N ARG A 335 -1.32 4.70 -17.50
CA ARG A 335 -0.93 5.43 -18.71
C ARG A 335 -1.24 4.70 -20.04
N ALA A 336 -1.99 3.61 -19.98
CA ALA A 336 -2.49 2.91 -21.20
C ALA A 336 -3.18 3.88 -22.14
N GLY A 337 -2.81 3.85 -23.40
CA GLY A 337 -3.50 4.62 -24.43
C GLY A 337 -3.12 6.08 -24.47
N GLU A 338 -2.14 6.45 -23.66
CA GLU A 338 -1.84 7.86 -23.46
C GLU A 338 -0.54 8.12 -24.15
N SER A 339 -0.43 9.25 -24.83
CA SER A 339 0.78 9.52 -25.57
C SER A 339 1.88 9.89 -24.60
N GLY A 340 3.10 9.96 -25.14
CA GLY A 340 4.27 10.28 -24.33
C GLY A 340 4.61 9.21 -23.31
N HIS A 341 4.17 7.98 -23.55
CA HIS A 341 4.44 6.91 -22.61
C HIS A 341 4.69 5.62 -23.34
N THR A 342 5.64 5.61 -24.27
CA THR A 342 5.86 4.40 -25.11
C THR A 342 6.63 3.35 -24.33
N VAL A 343 6.67 2.13 -24.87
CA VAL A 343 7.51 1.12 -24.28
C VAL A 343 8.98 1.56 -24.33
N ALA A 344 9.41 2.05 -25.49
CA ALA A 344 10.77 2.57 -25.67
C ALA A 344 11.03 3.63 -24.58
N ASP A 345 10.08 4.54 -24.32
CA ASP A 345 10.23 5.53 -23.22
C ASP A 345 10.46 4.86 -21.87
N TYR A 346 9.69 3.83 -21.58
CA TYR A 346 9.87 3.13 -20.35
C TYR A 346 11.21 2.37 -20.21
N LEU A 347 11.69 1.71 -21.27
CA LEU A 347 12.97 0.97 -21.20
C LEU A 347 14.12 1.93 -20.91
N LYS A 348 14.10 3.11 -21.53
CA LYS A 348 15.14 4.10 -21.29
C LYS A 348 15.10 4.68 -19.86
N PHE A 349 13.89 4.93 -19.38
CA PHE A 349 13.70 5.41 -18.03
C PHE A 349 14.16 4.37 -17.04
N LYS A 350 13.73 3.11 -17.23
CA LYS A 350 14.16 2.03 -16.33
C LYS A 350 15.69 1.97 -16.25
N ASP A 351 16.34 2.04 -17.40
CA ASP A 351 17.78 1.93 -17.51
C ASP A 351 18.50 3.06 -16.76
N LEU A 352 18.03 4.28 -16.95
CA LEU A 352 18.59 5.40 -16.21
C LEU A 352 18.45 5.16 -14.72
N ILE A 353 17.27 4.75 -14.29
CA ILE A 353 17.03 4.50 -12.87
C ILE A 353 17.94 3.41 -12.32
N LEU A 354 18.15 2.34 -13.09
CA LEU A 354 18.99 1.24 -12.59
C LEU A 354 20.42 1.73 -12.42
N ARG A 355 20.86 2.60 -13.32
CA ARG A 355 22.18 3.22 -13.20
C ARG A 355 22.26 4.18 -12.00
N MET A 356 21.17 4.86 -11.68
CA MET A 356 21.12 5.67 -10.43
C MET A 356 21.10 4.83 -9.16
N LEU A 357 20.59 3.58 -9.27
CA LEU A 357 20.43 2.70 -8.13
C LEU A 357 21.49 1.55 -8.11
N ASP A 358 22.62 1.77 -8.73
CA ASP A 358 23.81 0.93 -8.67
C ASP A 358 24.27 0.93 -7.22
N TYR A 359 24.52 -0.26 -6.67
CA TYR A 359 24.97 -0.42 -5.29
C TYR A 359 26.36 0.13 -5.04
N ASP A 360 27.15 0.18 -6.11
CA ASP A 360 28.53 0.67 -5.98
C ASP A 360 28.58 2.15 -6.24
N PRO A 361 28.93 2.95 -5.22
CA PRO A 361 29.06 4.40 -5.43
C PRO A 361 30.18 4.79 -6.42
N LYS A 362 31.13 3.93 -6.66
CA LYS A 362 32.22 4.26 -7.58
C LYS A 362 31.77 4.25 -9.06
N THR A 363 30.76 3.42 -9.38
CA THR A 363 30.23 3.29 -10.74
C THR A 363 28.79 3.80 -10.95
N ARG A 364 28.06 4.05 -9.86
CA ARG A 364 26.74 4.68 -9.94
C ARG A 364 26.78 5.92 -10.85
N ILE A 365 25.78 6.12 -11.67
CA ILE A 365 25.87 7.12 -12.72
C ILE A 365 26.02 8.49 -12.10
N GLN A 366 26.88 9.30 -12.70
CA GLN A 366 27.19 10.64 -12.23
C GLN A 366 26.50 11.66 -13.15
N PRO A 367 26.23 12.88 -12.64
CA PRO A 367 25.35 13.85 -13.29
C PRO A 367 25.73 14.20 -14.69
N TYR A 368 27.02 14.37 -14.93
CA TYR A 368 27.47 14.68 -16.26
C TYR A 368 27.07 13.58 -17.26
N TYR A 369 27.16 12.31 -16.87
CA TYR A 369 26.84 11.19 -17.77
C TYR A 369 25.34 10.91 -17.76
N ALA A 370 24.70 11.15 -16.63
CA ALA A 370 23.24 11.04 -16.56
C ALA A 370 22.53 11.91 -17.63
N LEU A 371 23.03 13.14 -17.74
CA LEU A 371 22.54 14.13 -18.72
C LEU A 371 22.72 13.71 -20.17
N GLN A 372 23.62 12.76 -20.42
CA GLN A 372 23.88 12.24 -21.74
C GLN A 372 23.07 10.97 -22.03
N HIS A 373 22.32 10.47 -21.04
CA HIS A 373 21.58 9.23 -21.19
C HIS A 373 20.52 9.40 -22.28
N SER A 374 20.19 8.29 -22.96
CA SER A 374 19.21 8.30 -24.07
C SER A 374 17.80 8.74 -23.62
N PHE A 375 17.46 8.54 -22.37
CA PHE A 375 16.18 9.01 -21.83
C PHE A 375 15.96 10.49 -22.03
N PHE A 376 17.04 11.26 -22.17
CA PHE A 376 16.95 12.69 -22.46
C PHE A 376 17.13 13.14 -23.90
N LYS A 377 17.41 12.24 -24.84
CA LYS A 377 17.56 12.67 -26.24
C LYS A 377 16.22 12.74 -26.97
N LYS A 378 16.12 13.69 -27.91
CA LYS A 378 14.98 13.78 -28.83
C LYS A 378 15.13 12.71 -29.92
N TYR B 33 -18.92 6.93 28.25
CA TYR B 33 -18.24 6.44 27.00
C TYR B 33 -18.25 7.53 25.93
N ASN B 34 -17.10 8.18 25.76
CA ASN B 34 -16.93 9.23 24.75
C ASN B 34 -18.01 10.33 24.78
N ASP B 35 -18.20 10.92 25.95
CA ASP B 35 -19.12 12.06 26.11
C ASP B 35 -20.57 11.79 25.68
N GLY B 36 -21.00 10.53 25.74
CA GLY B 36 -22.36 10.13 25.37
C GLY B 36 -22.57 9.86 23.89
N TYR B 37 -21.49 9.80 23.12
CA TYR B 37 -21.59 9.46 21.71
C TYR B 37 -21.45 7.96 21.48
N ASP B 38 -20.60 7.32 22.29
CA ASP B 38 -20.40 5.89 22.18
C ASP B 38 -21.23 5.15 23.22
N ASP B 39 -21.27 3.83 23.09
CA ASP B 39 -21.91 2.96 24.06
C ASP B 39 -20.84 2.13 24.74
N ASP B 40 -21.27 1.20 25.59
CA ASP B 40 -20.36 0.42 26.43
C ASP B 40 -19.54 -0.62 25.65
N ASN B 41 -19.85 -0.84 24.38
CA ASN B 41 -19.05 -1.71 23.52
C ASN B 41 -18.44 -0.97 22.34
N TYR B 42 -18.42 0.35 22.42
CA TYR B 42 -17.75 1.24 21.44
C TYR B 42 -18.50 1.62 20.13
N ASP B 43 -19.79 1.27 19.94
CA ASP B 43 -20.54 1.70 18.76
C ASP B 43 -21.11 3.11 18.88
N TYR B 44 -21.13 3.84 17.77
CA TYR B 44 -21.85 5.11 17.70
C TYR B 44 -23.36 4.83 17.78
N ILE B 45 -24.08 5.59 18.61
CA ILE B 45 -25.54 5.46 18.63
C ILE B 45 -26.05 6.22 17.42
N VAL B 46 -26.54 5.48 16.42
CA VAL B 46 -27.00 6.07 15.16
C VAL B 46 -28.37 6.74 15.37
N LYS B 47 -28.51 7.95 14.83
CA LYS B 47 -29.78 8.66 14.90
C LYS B 47 -30.19 9.10 13.51
N ASN B 48 -31.38 8.66 13.09
CA ASN B 48 -31.88 8.97 11.76
C ASN B 48 -31.91 10.47 11.58
N GLY B 49 -31.51 10.93 10.41
CA GLY B 49 -31.64 12.34 10.04
C GLY B 49 -30.61 13.24 10.66
N GLU B 50 -29.59 12.67 11.28
CA GLU B 50 -28.46 13.44 11.77
C GLU B 50 -27.57 13.86 10.60
N LYS B 51 -27.06 15.09 10.61
CA LYS B 51 -26.18 15.55 9.54
C LYS B 51 -24.77 15.67 10.09
N TRP B 52 -23.80 15.06 9.38
CA TRP B 52 -22.40 15.12 9.76
C TRP B 52 -21.68 16.05 8.81
N MET B 53 -21.03 17.07 9.37
CA MET B 53 -20.04 17.88 8.64
C MET B 53 -20.68 18.67 7.51
N ASP B 54 -21.88 19.17 7.74
CA ASP B 54 -22.62 19.86 6.69
C ASP B 54 -22.44 19.14 5.35
N ARG B 55 -22.55 17.80 5.37
CA ARG B 55 -22.33 17.02 4.19
C ARG B 55 -23.19 15.76 4.16
N TYR B 56 -23.06 14.88 5.16
CA TYR B 56 -23.74 13.57 5.11
C TYR B 56 -25.00 13.58 5.92
N GLU B 57 -26.10 13.21 5.30
CA GLU B 57 -27.37 13.10 6.00
C GLU B 57 -27.59 11.63 6.31
N ILE B 58 -27.54 11.28 7.58
CA ILE B 58 -27.73 9.88 7.95
C ILE B 58 -29.19 9.49 7.80
N ASP B 59 -29.45 8.41 7.08
CA ASP B 59 -30.81 7.96 6.87
C ASP B 59 -31.15 6.91 7.91
N SER B 60 -30.31 5.90 8.01
CA SER B 60 -30.61 4.78 8.90
C SER B 60 -29.44 3.81 9.07
N LEU B 61 -29.55 3.00 10.10
CA LEU B 61 -28.62 1.89 10.34
C LEU B 61 -29.02 0.67 9.53
N ILE B 62 -28.16 0.23 8.61
CA ILE B 62 -28.49 -0.88 7.74
C ILE B 62 -27.76 -2.18 8.15
N GLY B 63 -26.73 -2.05 8.98
CA GLY B 63 -25.97 -3.23 9.36
C GLY B 63 -25.10 -3.10 10.61
N LYS B 64 -25.16 -4.15 11.43
CA LYS B 64 -24.41 -4.24 12.68
C LYS B 64 -23.44 -5.42 12.63
N GLY B 65 -22.20 -5.16 13.00
CA GLY B 65 -21.16 -6.14 12.83
C GLY B 65 -20.22 -6.06 14.02
N SER B 66 -19.37 -7.07 14.13
CA SER B 66 -18.43 -7.15 15.22
C SER B 66 -17.42 -5.99 15.24
N PHE B 67 -17.19 -5.35 14.10
CA PHE B 67 -16.23 -4.23 14.02
C PHE B 67 -16.79 -2.84 14.05
N GLY B 68 -18.12 -2.69 13.93
CA GLY B 68 -18.75 -1.39 13.80
C GLY B 68 -20.10 -1.55 13.17
N GLN B 69 -20.54 -0.49 12.48
CA GLN B 69 -21.87 -0.43 11.90
C GLN B 69 -21.75 0.15 10.53
N VAL B 70 -22.76 -0.12 9.71
CA VAL B 70 -22.87 0.50 8.41
C VAL B 70 -24.18 1.26 8.45
N VAL B 71 -24.15 2.51 7.97
CA VAL B 71 -25.32 3.36 7.86
C VAL B 71 -25.48 3.77 6.41
N LYS B 72 -26.73 3.94 5.98
CA LYS B 72 -27.08 4.60 4.73
C LYS B 72 -27.02 6.09 5.02
N ALA B 73 -26.24 6.84 4.23
CA ALA B 73 -26.23 8.30 4.30
C ALA B 73 -26.38 8.87 2.92
N TYR B 74 -26.97 10.07 2.80
CA TYR B 74 -26.98 10.83 1.55
C TYR B 74 -25.84 11.83 1.64
N ASP B 75 -24.98 11.83 0.63
CA ASP B 75 -23.94 12.84 0.50
C ASP B 75 -24.48 14.02 -0.32
N ARG B 76 -24.65 15.17 0.31
CA ARG B 76 -25.18 16.38 -0.35
C ARG B 76 -24.25 16.96 -1.40
N VAL B 77 -22.95 16.80 -1.19
CA VAL B 77 -21.99 17.36 -2.12
C VAL B 77 -22.13 16.62 -3.44
N GLU B 78 -21.99 15.28 -3.39
CA GLU B 78 -21.99 14.46 -4.61
C GLU B 78 -23.40 14.03 -5.01
N GLN B 79 -24.38 14.40 -4.20
CA GLN B 79 -25.81 14.13 -4.47
C GLN B 79 -26.08 12.64 -4.73
N GLU B 80 -25.55 11.80 -3.84
CA GLU B 80 -25.72 10.35 -3.97
C GLU B 80 -25.75 9.67 -2.61
N TRP B 81 -26.35 8.50 -2.59
CA TRP B 81 -26.39 7.66 -1.41
C TRP B 81 -25.08 6.93 -1.27
N VAL B 82 -24.61 6.83 -0.01
CA VAL B 82 -23.40 6.10 0.36
C VAL B 82 -23.60 5.22 1.61
N ALA B 83 -22.80 4.18 1.72
CA ALA B 83 -22.77 3.35 2.91
C ALA B 83 -21.54 3.71 3.76
N ILE B 84 -21.78 4.20 4.98
CA ILE B 84 -20.67 4.63 5.80
C ILE B 84 -20.40 3.60 6.88
N LYS B 85 -19.20 3.04 6.84
CA LYS B 85 -18.84 2.07 7.83
C LYS B 85 -18.23 2.79 9.03
N ILE B 86 -18.92 2.72 10.17
CA ILE B 86 -18.49 3.46 11.36
C ILE B 86 -17.75 2.46 12.28
N ILE B 87 -16.43 2.62 12.36
CA ILE B 87 -15.59 1.69 13.14
C ILE B 87 -15.55 1.96 14.64
N LYS B 88 -15.18 0.95 15.43
CA LYS B 88 -15.11 1.06 16.90
C LYS B 88 -14.02 2.02 17.42
N ASN B 89 -14.38 2.79 18.44
CA ASN B 89 -13.48 3.67 19.14
C ASN B 89 -12.64 2.85 20.13
N LYS B 90 -11.79 1.97 19.60
CA LYS B 90 -10.75 1.30 20.36
C LYS B 90 -9.59 1.08 19.41
N LYS B 91 -8.37 1.17 19.95
CA LYS B 91 -7.15 1.24 19.16
C LYS B 91 -6.98 0.02 18.25
N ALA B 92 -7.22 -1.17 18.79
CA ALA B 92 -7.02 -2.42 18.04
C ALA B 92 -7.78 -2.39 16.73
N PHE B 93 -9.06 -2.00 16.80
CA PHE B 93 -9.92 -1.93 15.60
C PHE B 93 -9.50 -0.79 14.69
N LEU B 94 -9.18 0.36 15.28
CA LEU B 94 -8.66 1.50 14.54
C LEU B 94 -7.37 1.15 13.79
N ASN B 95 -6.50 0.38 14.42
CA ASN B 95 -5.25 -0.05 13.79
C ASN B 95 -5.50 -1.02 12.64
N GLN B 96 -6.49 -1.89 12.76
CA GLN B 96 -6.78 -2.81 11.67
C GLN B 96 -7.49 -2.10 10.51
N ALA B 97 -8.35 -1.14 10.83
CA ALA B 97 -9.07 -0.41 9.78
C ALA B 97 -8.11 0.48 8.95
N GLN B 98 -7.00 0.87 9.55
CA GLN B 98 -6.00 1.70 8.83
C GLN B 98 -5.24 0.90 7.76
N ILE B 99 -5.03 -0.38 8.02
CA ILE B 99 -4.53 -1.31 7.03
C ILE B 99 -5.58 -1.52 5.92
N GLU B 100 -6.81 -1.82 6.29
CA GLU B 100 -7.93 -1.88 5.32
C GLU B 100 -7.94 -0.66 4.41
N VAL B 101 -8.05 0.52 5.00
CA VAL B 101 -7.98 1.74 4.23
C VAL B 101 -6.76 1.73 3.31
N ARG B 102 -5.62 1.29 3.83
CA ARG B 102 -4.41 1.24 3.03
C ARG B 102 -4.56 0.27 1.85
N LEU B 103 -5.17 -0.89 2.06
CA LEU B 103 -5.32 -1.86 0.99
C LEU B 103 -6.29 -1.34 -0.10
N LEU B 104 -7.39 -0.73 0.34
CA LEU B 104 -8.40 -0.18 -0.59
C LEU B 104 -7.80 0.97 -1.40
N GLU B 105 -6.99 1.80 -0.75
CA GLU B 105 -6.37 2.90 -1.47
C GLU B 105 -5.34 2.37 -2.46
N LEU B 106 -4.67 1.28 -2.11
CA LEU B 106 -3.67 0.67 -2.99
C LEU B 106 -4.39 0.11 -4.23
N MET B 107 -5.52 -0.55 -4.01
CA MET B 107 -6.25 -1.13 -5.11
C MET B 107 -6.73 -0.06 -6.04
N ASN B 108 -7.12 1.09 -5.51
CA ASN B 108 -7.65 2.18 -6.32
C ASN B 108 -6.67 2.88 -7.27
N LYS B 109 -5.39 2.51 -7.18
CA LYS B 109 -4.37 3.04 -8.09
C LYS B 109 -4.15 2.17 -9.33
N HIS B 110 -4.89 1.08 -9.46
CA HIS B 110 -4.92 0.27 -10.66
C HIS B 110 -6.17 0.55 -11.53
N ASP B 111 -5.95 1.02 -12.75
CA ASP B 111 -7.00 1.38 -13.70
C ASP B 111 -7.73 0.26 -14.45
N THR B 112 -7.52 -0.96 -14.03
CA THR B 112 -7.97 -2.12 -14.74
C THR B 112 -9.49 -2.35 -14.48
N GLU B 113 -10.20 -2.77 -15.49
CA GLU B 113 -11.62 -3.01 -15.29
C GLU B 113 -11.88 -4.03 -14.15
N MET B 114 -10.89 -4.84 -13.85
CA MET B 114 -11.00 -5.86 -12.80
C MET B 114 -11.24 -5.30 -11.39
N LYS B 115 -10.77 -4.08 -11.10
CA LYS B 115 -11.02 -3.52 -9.77
C LYS B 115 -12.48 -3.22 -9.49
N TYR B 116 -13.28 -3.20 -10.53
CA TYR B 116 -14.70 -2.98 -10.37
C TYR B 116 -15.45 -4.16 -9.73
N TYR B 117 -14.79 -5.30 -9.49
CA TYR B 117 -15.39 -6.39 -8.69
C TYR B 117 -15.09 -6.25 -7.18
N ILE B 118 -14.43 -5.16 -6.83
CA ILE B 118 -14.11 -4.79 -5.46
C ILE B 118 -14.92 -3.54 -5.13
N VAL B 119 -15.53 -3.54 -3.96
CA VAL B 119 -16.25 -2.36 -3.49
C VAL B 119 -15.30 -1.14 -3.48
N HIS B 120 -15.82 -0.02 -3.90
CA HIS B 120 -15.03 1.19 -3.93
C HIS B 120 -15.12 2.02 -2.63
N LEU B 121 -13.98 2.32 -2.04
CA LEU B 121 -13.87 3.31 -0.96
C LEU B 121 -13.77 4.70 -1.59
N LYS B 122 -14.73 5.56 -1.32
CA LYS B 122 -14.70 6.93 -1.85
C LYS B 122 -13.84 7.86 -1.03
N ARG B 123 -13.91 7.75 0.30
CA ARG B 123 -13.03 8.49 1.20
C ARG B 123 -13.16 7.98 2.63
N HIS B 124 -12.38 8.56 3.54
CA HIS B 124 -12.48 8.22 4.95
C HIS B 124 -12.21 9.44 5.79
N PHE B 125 -12.79 9.48 6.99
CA PHE B 125 -12.57 10.59 7.91
C PHE B 125 -12.81 10.12 9.35
N MET B 126 -12.41 10.95 10.31
CA MET B 126 -12.67 10.70 11.73
C MET B 126 -13.84 11.55 12.11
N PHE B 127 -14.79 10.98 12.84
CA PHE B 127 -15.99 11.73 13.28
C PHE B 127 -16.36 11.30 14.71
N ARG B 128 -16.38 12.28 15.60
CA ARG B 128 -16.69 12.04 17.02
C ARG B 128 -16.01 10.77 17.51
N ASN B 129 -14.71 10.70 17.22
CA ASN B 129 -13.81 9.60 17.61
C ASN B 129 -13.97 8.21 16.96
N HIS B 130 -14.77 8.11 15.89
CA HIS B 130 -14.89 6.88 15.12
C HIS B 130 -14.21 7.11 13.76
N LEU B 131 -13.44 6.13 13.29
CA LEU B 131 -12.98 6.12 11.91
C LEU B 131 -14.12 5.68 11.03
N CYS B 132 -14.33 6.43 9.94
CA CYS B 132 -15.45 6.24 9.03
C CYS B 132 -14.97 6.07 7.60
N LEU B 133 -15.39 4.98 6.97
CA LEU B 133 -15.07 4.71 5.59
C LEU B 133 -16.32 4.87 4.78
N VAL B 134 -16.28 5.74 3.79
CA VAL B 134 -17.43 5.99 2.92
C VAL B 134 -17.28 5.09 1.72
N PHE B 135 -18.23 4.19 1.51
CA PHE B 135 -18.26 3.30 0.36
C PHE B 135 -19.42 3.62 -0.59
N GLU B 136 -19.28 3.25 -1.86
CA GLU B 136 -20.41 3.22 -2.76
C GLU B 136 -21.53 2.37 -2.16
N MET B 137 -22.77 2.72 -2.50
CA MET B 137 -23.94 2.01 -2.02
C MET B 137 -24.19 0.80 -2.90
N LEU B 138 -24.25 -0.38 -2.27
CA LEU B 138 -24.52 -1.64 -2.96
C LEU B 138 -25.81 -2.24 -2.41
N SER B 139 -26.37 -3.21 -3.14
CA SER B 139 -27.53 -3.93 -2.69
C SER B 139 -27.11 -5.10 -1.81
N TYR B 140 -27.94 -6.13 -1.74
CA TYR B 140 -27.79 -7.14 -0.69
C TYR B 140 -26.83 -8.26 -1.07
N ASN B 141 -26.41 -9.01 -0.05
CA ASN B 141 -25.35 -10.01 -0.22
C ASN B 141 -25.93 -11.34 -0.74
N LEU B 142 -25.05 -12.31 -1.00
CA LEU B 142 -25.47 -13.55 -1.68
C LEU B 142 -26.12 -14.54 -0.74
N TYR B 143 -25.87 -14.41 0.56
CA TYR B 143 -26.64 -15.15 1.52
C TYR B 143 -28.09 -14.71 1.46
N ASP B 144 -28.36 -13.41 1.45
CA ASP B 144 -29.71 -12.87 1.28
C ASP B 144 -30.31 -13.31 -0.06
N LEU B 145 -29.49 -13.43 -1.11
CA LEU B 145 -29.97 -13.96 -2.40
C LEU B 145 -30.48 -15.39 -2.29
N LEU B 146 -29.74 -16.26 -1.60
CA LEU B 146 -30.22 -17.64 -1.38
C LEU B 146 -31.54 -17.67 -0.59
N ARG B 147 -31.64 -16.73 0.35
CA ARG B 147 -32.80 -16.55 1.20
C ARG B 147 -34.06 -16.32 0.35
N ASN B 148 -33.97 -15.54 -0.73
CA ASN B 148 -35.09 -15.40 -1.68
C ASN B 148 -35.60 -16.75 -2.25
N THR B 149 -34.67 -17.68 -2.47
CA THR B 149 -34.98 -18.99 -3.07
C THR B 149 -35.40 -20.00 -2.00
N ASN B 150 -35.68 -19.52 -0.78
CA ASN B 150 -35.80 -20.36 0.43
C ASN B 150 -34.71 -21.42 0.49
N PHE B 151 -33.48 -21.00 0.18
CA PHE B 151 -32.28 -21.84 0.32
C PHE B 151 -32.28 -23.09 -0.56
N ARG B 152 -32.94 -22.98 -1.70
CA ARG B 152 -32.96 -24.06 -2.68
C ARG B 152 -31.85 -23.88 -3.73
N GLY B 153 -31.27 -22.69 -3.78
CA GLY B 153 -30.13 -22.44 -4.63
C GLY B 153 -30.51 -21.55 -5.79
N VAL B 154 -29.54 -20.75 -6.22
CA VAL B 154 -29.71 -20.02 -7.45
C VAL B 154 -29.31 -21.01 -8.55
N SER B 155 -29.71 -20.70 -9.77
CA SER B 155 -29.41 -21.55 -10.90
C SER B 155 -27.92 -21.65 -11.21
N LEU B 156 -27.59 -22.61 -12.05
CA LEU B 156 -26.21 -22.86 -12.44
C LEU B 156 -25.66 -21.72 -13.31
N ASN B 157 -26.51 -21.20 -14.19
CA ASN B 157 -26.21 -20.03 -14.98
C ASN B 157 -25.83 -18.83 -14.15
N LEU B 158 -26.59 -18.56 -13.10
CA LEU B 158 -26.27 -17.44 -12.21
C LEU B 158 -24.99 -17.80 -11.44
N THR B 159 -24.87 -19.05 -11.01
CA THR B 159 -23.70 -19.49 -10.22
C THR B 159 -22.44 -19.28 -11.04
N ARG B 160 -22.54 -19.59 -12.34
CA ARG B 160 -21.43 -19.41 -13.28
C ARG B 160 -21.06 -17.94 -13.47
N LYS B 161 -22.04 -17.04 -13.58
CA LYS B 161 -21.74 -15.60 -13.65
C LYS B 161 -21.07 -15.11 -12.39
N PHE B 162 -21.55 -15.53 -11.21
CA PHE B 162 -20.86 -15.21 -9.96
C PHE B 162 -19.41 -15.74 -10.01
N ALA B 163 -19.24 -16.98 -10.41
CA ALA B 163 -17.91 -17.64 -10.42
C ALA B 163 -16.90 -16.90 -11.28
N GLN B 164 -17.34 -16.43 -12.43
CA GLN B 164 -16.46 -15.74 -13.35
C GLN B 164 -16.01 -14.40 -12.79
N GLN B 165 -16.94 -13.67 -12.17
CA GLN B 165 -16.64 -12.40 -11.51
C GLN B 165 -15.73 -12.53 -10.32
N MET B 166 -15.95 -13.57 -9.49
CA MET B 166 -15.08 -13.82 -8.34
C MET B 166 -13.68 -14.28 -8.75
N CYS B 167 -13.59 -15.16 -9.74
CA CYS B 167 -12.28 -15.50 -10.28
C CYS B 167 -11.51 -14.28 -10.80
N THR B 168 -12.22 -13.33 -11.41
CA THR B 168 -11.63 -12.08 -11.92
C THR B 168 -11.22 -11.13 -10.77
N ALA B 169 -12.02 -11.04 -9.74
CA ALA B 169 -11.66 -10.31 -8.53
C ALA B 169 -10.44 -10.95 -7.92
N LEU B 170 -10.39 -12.28 -7.87
CA LEU B 170 -9.21 -12.95 -7.32
C LEU B 170 -7.98 -12.71 -8.20
N LEU B 171 -8.16 -12.66 -9.52
CA LEU B 171 -7.06 -12.34 -10.43
C LEU B 171 -6.52 -10.94 -10.12
N PHE B 172 -7.43 -9.99 -9.98
CA PHE B 172 -7.07 -8.63 -9.59
C PHE B 172 -6.20 -8.58 -8.32
N LEU B 173 -6.68 -9.18 -7.23
CA LEU B 173 -5.95 -9.30 -5.97
C LEU B 173 -4.57 -10.00 -6.10
N ALA B 174 -4.42 -10.89 -7.08
CA ALA B 174 -3.16 -11.59 -7.26
C ALA B 174 -2.15 -10.76 -8.08
N THR B 175 -2.54 -9.60 -8.58
CA THR B 175 -1.59 -8.71 -9.25
C THR B 175 -0.33 -8.57 -8.34
N PRO B 176 0.86 -8.88 -8.86
CA PRO B 176 2.04 -9.00 -7.96
C PRO B 176 2.22 -7.83 -6.96
N GLU B 177 2.06 -6.61 -7.45
CA GLU B 177 2.19 -5.42 -6.63
C GLU B 177 1.04 -5.18 -5.63
N LEU B 178 -0.05 -5.93 -5.74
CA LEU B 178 -1.06 -6.01 -4.68
C LEU B 178 -0.85 -7.25 -3.79
N SER B 179 -0.97 -8.44 -4.37
CA SER B 179 -0.80 -9.71 -3.65
C SER B 179 -1.60 -9.70 -2.37
N ILE B 180 -2.87 -9.34 -2.51
CA ILE B 180 -3.77 -9.19 -1.37
C ILE B 180 -4.56 -10.47 -1.13
N ILE B 181 -4.53 -10.93 0.12
CA ILE B 181 -5.34 -12.02 0.58
C ILE B 181 -6.54 -11.44 1.31
N HIS B 182 -7.74 -11.70 0.80
CA HIS B 182 -8.95 -11.21 1.46
C HIS B 182 -9.16 -11.81 2.86
N CYS B 183 -8.95 -13.13 3.00
CA CYS B 183 -8.95 -13.83 4.30
C CYS B 183 -10.33 -14.02 4.94
N ASP B 184 -11.38 -13.51 4.29
CA ASP B 184 -12.71 -13.76 4.84
C ASP B 184 -13.78 -13.79 3.77
N LEU B 185 -13.49 -14.46 2.67
CA LEU B 185 -14.51 -14.63 1.66
C LEU B 185 -15.61 -15.58 2.10
N LYS B 186 -16.84 -15.11 1.98
CA LYS B 186 -18.03 -15.85 2.32
C LYS B 186 -19.21 -15.17 1.65
N PRO B 187 -20.38 -15.82 1.63
CA PRO B 187 -21.53 -15.16 0.99
C PRO B 187 -21.93 -13.78 1.53
N GLU B 188 -21.73 -13.54 2.84
CA GLU B 188 -22.08 -12.25 3.48
C GLU B 188 -21.17 -11.12 3.03
N ASN B 189 -19.97 -11.45 2.53
CA ASN B 189 -18.99 -10.47 2.06
C ASN B 189 -18.98 -10.34 0.53
N ILE B 190 -19.98 -10.90 -0.13
CA ILE B 190 -20.14 -10.63 -1.54
C ILE B 190 -21.50 -9.97 -1.75
N LEU B 191 -21.52 -8.76 -2.31
CA LEU B 191 -22.78 -8.01 -2.43
C LEU B 191 -23.17 -7.77 -3.89
N LEU B 192 -24.45 -7.90 -4.17
CA LEU B 192 -24.96 -7.51 -5.48
C LEU B 192 -24.89 -5.99 -5.61
N CYS B 193 -24.51 -5.52 -6.79
CA CYS B 193 -24.63 -4.10 -7.10
C CYS B 193 -26.11 -3.62 -7.13
N ASN B 194 -27.02 -4.49 -7.56
CA ASN B 194 -28.44 -4.15 -7.69
C ASN B 194 -29.30 -5.41 -7.63
N PRO B 195 -30.49 -5.34 -6.97
CA PRO B 195 -31.24 -6.58 -6.75
C PRO B 195 -31.69 -7.27 -8.03
N LYS B 196 -31.79 -6.52 -9.13
CA LYS B 196 -32.35 -7.04 -10.38
C LYS B 196 -31.28 -7.41 -11.39
N ARG B 197 -30.02 -7.39 -10.98
CA ARG B 197 -28.90 -7.65 -11.92
C ARG B 197 -27.79 -8.49 -11.27
N SER B 198 -26.96 -9.13 -12.08
CA SER B 198 -26.08 -10.18 -11.56
C SER B 198 -24.62 -9.75 -11.27
N ALA B 199 -24.32 -8.46 -11.33
CA ALA B 199 -22.95 -7.98 -11.02
C ALA B 199 -22.75 -7.98 -9.51
N ILE B 200 -21.60 -8.48 -9.06
CA ILE B 200 -21.27 -8.56 -7.65
C ILE B 200 -19.93 -7.91 -7.34
N LYS B 201 -19.77 -7.50 -6.07
CA LYS B 201 -18.49 -7.04 -5.56
C LYS B 201 -18.16 -7.69 -4.22
N ILE B 202 -16.87 -7.80 -3.95
CA ILE B 202 -16.34 -8.21 -2.68
C ILE B 202 -16.24 -6.99 -1.75
N VAL B 203 -16.78 -7.13 -0.54
CA VAL B 203 -16.61 -6.17 0.54
C VAL B 203 -15.81 -6.72 1.69
N ASP B 204 -15.46 -5.80 2.60
CA ASP B 204 -14.84 -6.06 3.88
C ASP B 204 -13.45 -6.63 3.76
N PHE B 205 -12.48 -5.75 3.59
CA PHE B 205 -11.09 -6.12 3.60
C PHE B 205 -10.50 -5.88 5.00
N GLY B 206 -11.33 -6.11 6.02
CA GLY B 206 -10.95 -5.82 7.40
C GLY B 206 -10.04 -6.84 8.04
N SER B 207 -10.04 -8.07 7.52
CA SER B 207 -9.12 -9.13 7.93
C SER B 207 -8.03 -9.40 6.90
N SER B 208 -7.90 -8.52 5.91
CA SER B 208 -7.00 -8.76 4.78
C SER B 208 -5.58 -8.33 5.06
N CYS B 209 -4.67 -8.97 4.33
CA CYS B 209 -3.27 -8.69 4.40
C CYS B 209 -2.68 -8.84 2.99
N GLN B 210 -1.47 -8.34 2.81
CA GLN B 210 -0.65 -8.65 1.64
C GLN B 210 0.25 -9.84 1.96
N LEU B 211 0.67 -10.55 0.92
CA LEU B 211 1.59 -11.66 1.06
C LEU B 211 2.85 -11.16 1.79
N GLY B 212 3.18 -11.87 2.85
CA GLY B 212 4.38 -11.57 3.63
C GLY B 212 4.15 -10.66 4.82
N GLN B 213 2.94 -10.11 4.92
CA GLN B 213 2.54 -9.29 6.04
C GLN B 213 1.41 -9.92 6.84
N ARG B 214 1.33 -11.25 6.83
CA ARG B 214 0.39 -12.00 7.68
C ARG B 214 0.50 -11.60 9.18
N ILE B 215 -0.59 -11.76 9.93
CA ILE B 215 -0.66 -11.32 11.36
C ILE B 215 -1.40 -12.29 12.30
N TYR B 216 -2.47 -12.90 11.80
CA TYR B 216 -3.28 -13.80 12.60
C TYR B 216 -3.33 -15.23 12.00
N GLN B 217 -3.41 -16.24 12.86
CA GLN B 217 -3.55 -17.65 12.43
C GLN B 217 -5.02 -18.11 12.38
N PTR B 218 -5.87 -17.52 13.22
CA PTR B 218 -7.29 -17.89 13.29
C PTR B 218 -8.05 -16.96 12.38
O PTR B 218 -8.59 -15.95 12.82
CB PTR B 218 -7.74 -17.77 14.77
CG PTR B 218 -9.09 -18.35 15.14
CD1 PTR B 218 -9.53 -19.60 14.65
CD2 PTR B 218 -9.93 -17.69 16.03
CE1 PTR B 218 -10.76 -20.14 15.03
CE2 PTR B 218 -11.16 -18.23 16.43
CZ PTR B 218 -11.58 -19.45 15.91
OH PTR B 218 -12.68 -19.91 16.28
P PTR B 218 -13.91 -20.17 15.26
O1P PTR B 218 -15.19 -20.01 16.01
O2P PTR B 218 -13.82 -19.08 14.16
O3P PTR B 218 -13.81 -21.59 14.66
N ILE B 219 -8.08 -17.27 11.10
CA ILE B 219 -8.72 -16.38 10.12
C ILE B 219 -9.73 -17.17 9.31
N GLN B 220 -10.53 -16.43 8.54
CA GLN B 220 -11.57 -16.98 7.66
C GLN B 220 -12.75 -17.38 8.49
N SER B 221 -13.93 -17.20 7.93
CA SER B 221 -15.12 -17.68 8.62
C SER B 221 -15.17 -19.19 8.42
N ARG B 222 -15.49 -19.87 9.51
CA ARG B 222 -15.23 -21.30 9.69
C ARG B 222 -15.69 -22.17 8.55
N PHE B 223 -16.84 -21.88 7.98
CA PHE B 223 -17.41 -22.71 6.92
C PHE B 223 -16.51 -22.62 5.71
N TYR B 224 -15.78 -21.51 5.61
CA TYR B 224 -15.05 -21.16 4.37
C TYR B 224 -13.55 -21.14 4.60
N ARG B 225 -13.12 -21.76 5.70
CA ARG B 225 -11.73 -21.70 6.12
C ARG B 225 -10.96 -22.87 5.51
N SER B 226 -9.79 -22.57 4.98
CA SER B 226 -8.98 -23.56 4.29
C SER B 226 -8.29 -24.57 5.27
N PRO B 227 -7.86 -25.72 4.73
CA PRO B 227 -7.12 -26.71 5.49
C PRO B 227 -5.84 -26.11 6.05
N GLU B 228 -5.11 -25.39 5.20
CA GLU B 228 -3.85 -24.73 5.59
C GLU B 228 -4.01 -23.86 6.84
N VAL B 229 -5.12 -23.12 6.91
CA VAL B 229 -5.43 -22.30 8.10
C VAL B 229 -5.82 -23.17 9.28
N LEU B 230 -6.49 -24.31 8.98
CA LEU B 230 -6.91 -25.29 9.99
C LEU B 230 -5.70 -26.01 10.54
N LEU B 231 -4.74 -26.35 9.68
CA LEU B 231 -3.59 -27.17 10.09
C LEU B 231 -2.48 -26.30 10.66
N GLY B 232 -2.68 -24.99 10.69
CA GLY B 232 -1.70 -24.05 11.23
C GLY B 232 -0.50 -23.79 10.32
N MET B 233 -0.68 -23.99 9.01
CA MET B 233 0.42 -23.90 8.07
C MET B 233 0.55 -22.51 7.51
N PRO B 234 1.72 -22.21 6.89
CA PRO B 234 1.79 -20.95 6.14
C PRO B 234 0.70 -20.94 5.08
N TYR B 235 0.19 -19.75 4.75
CA TYR B 235 -0.86 -19.62 3.75
C TYR B 235 -0.66 -18.43 2.85
N ASP B 236 -1.34 -18.46 1.71
CA ASP B 236 -1.12 -17.47 0.68
C ASP B 236 -2.45 -17.27 0.01
N LEU B 237 -2.43 -16.68 -1.18
CA LEU B 237 -3.67 -16.28 -1.87
C LEU B 237 -4.62 -17.46 -2.13
N ALA B 238 -4.06 -18.66 -2.23
CA ALA B 238 -4.87 -19.85 -2.48
C ALA B 238 -6.02 -20.04 -1.45
N ILE B 239 -5.89 -19.51 -0.24
CA ILE B 239 -6.93 -19.71 0.79
C ILE B 239 -8.23 -19.07 0.36
N ASP B 240 -8.14 -17.99 -0.40
CA ASP B 240 -9.33 -17.34 -0.92
C ASP B 240 -9.97 -18.23 -2.00
N MET B 241 -9.17 -18.94 -2.80
CA MET B 241 -9.74 -19.84 -3.81
C MET B 241 -10.53 -20.99 -3.19
N TRP B 242 -10.02 -21.51 -2.06
CA TRP B 242 -10.75 -22.55 -1.31
C TRP B 242 -12.11 -21.99 -0.87
N SER B 243 -12.11 -20.79 -0.29
CA SER B 243 -13.34 -20.19 0.16
C SER B 243 -14.30 -20.08 -1.03
N LEU B 244 -13.79 -19.65 -2.18
CA LEU B 244 -14.63 -19.49 -3.34
C LEU B 244 -15.27 -20.80 -3.77
N GLY B 245 -14.53 -21.90 -3.68
CA GLY B 245 -15.07 -23.21 -4.06
C GLY B 245 -16.23 -23.60 -3.17
N CYS B 246 -16.05 -23.44 -1.86
CA CYS B 246 -17.11 -23.71 -0.87
C CYS B 246 -18.33 -22.81 -1.15
N ILE B 247 -18.05 -21.54 -1.44
CA ILE B 247 -19.09 -20.56 -1.71
C ILE B 247 -19.95 -20.98 -2.92
N LEU B 248 -19.29 -21.35 -4.02
CA LEU B 248 -20.01 -21.63 -5.24
C LEU B 248 -20.88 -22.88 -5.11
N VAL B 249 -20.45 -23.89 -4.39
CA VAL B 249 -21.32 -25.02 -4.18
C VAL B 249 -22.53 -24.58 -3.39
N GLU B 250 -22.30 -23.79 -2.34
CA GLU B 250 -23.37 -23.31 -1.49
C GLU B 250 -24.38 -22.44 -2.26
N MET B 251 -23.89 -21.62 -3.17
CA MET B 251 -24.82 -20.80 -3.95
C MET B 251 -25.77 -21.64 -4.80
N HIS B 252 -25.31 -22.81 -5.21
CA HIS B 252 -26.16 -23.65 -6.03
C HIS B 252 -26.98 -24.66 -5.28
N THR B 253 -26.48 -25.15 -4.14
CA THR B 253 -27.24 -26.07 -3.29
C THR B 253 -28.10 -25.34 -2.27
N GLY B 254 -27.77 -24.08 -1.96
CA GLY B 254 -28.43 -23.34 -0.92
C GLY B 254 -27.93 -23.59 0.49
N GLU B 255 -26.85 -24.37 0.64
CA GLU B 255 -26.45 -24.95 1.93
C GLU B 255 -24.94 -24.95 2.01
N PRO B 256 -24.36 -24.68 3.21
CA PRO B 256 -22.88 -24.70 3.23
C PRO B 256 -22.34 -26.08 2.91
N LEU B 257 -21.24 -26.13 2.17
CA LEU B 257 -20.62 -27.39 1.86
C LEU B 257 -20.13 -28.09 3.15
N PHE B 258 -19.35 -27.37 3.94
CA PHE B 258 -18.70 -27.90 5.11
C PHE B 258 -19.16 -27.04 6.25
N SER B 259 -20.15 -27.50 7.01
CA SER B 259 -20.71 -26.72 8.10
C SER B 259 -20.24 -27.16 9.49
N GLY B 260 -18.98 -26.90 9.80
CA GLY B 260 -18.43 -27.30 11.09
C GLY B 260 -18.94 -26.45 12.24
N ALA B 261 -19.13 -27.10 13.39
CA ALA B 261 -19.45 -26.43 14.65
C ALA B 261 -18.17 -26.00 15.37
N ASN B 262 -17.03 -26.57 14.94
CA ASN B 262 -15.72 -26.22 15.47
C ASN B 262 -14.70 -26.75 14.47
N GLU B 263 -13.42 -26.54 14.74
CA GLU B 263 -12.34 -26.93 13.82
C GLU B 263 -12.27 -28.43 13.59
N VAL B 264 -12.37 -29.22 14.65
CA VAL B 264 -12.32 -30.68 14.51
C VAL B 264 -13.45 -31.10 13.58
N ASP B 265 -14.65 -30.64 13.91
CA ASP B 265 -15.87 -30.95 13.12
C ASP B 265 -15.79 -30.40 11.71
N GLN B 266 -15.13 -29.25 11.57
CA GLN B 266 -14.86 -28.65 10.25
C GLN B 266 -13.94 -29.53 9.43
N MET B 267 -12.83 -29.99 10.04
CA MET B 267 -11.87 -30.83 9.34
C MET B 267 -12.53 -32.15 8.97
N ASN B 268 -13.23 -32.76 9.90
CA ASN B 268 -13.90 -34.03 9.62
C ASN B 268 -14.90 -33.95 8.48
N LYS B 269 -15.57 -32.81 8.38
CA LYS B 269 -16.51 -32.57 7.29
C LYS B 269 -15.85 -32.34 5.96
N ILE B 270 -14.64 -31.76 5.95
CA ILE B 270 -13.86 -31.66 4.73
C ILE B 270 -13.45 -33.07 4.35
N VAL B 271 -13.00 -33.86 5.31
CA VAL B 271 -12.52 -35.23 5.06
C VAL B 271 -13.60 -36.19 4.54
N GLU B 272 -14.85 -35.95 4.91
CA GLU B 272 -15.95 -36.77 4.40
C GLU B 272 -16.03 -36.66 2.87
N VAL B 273 -15.75 -35.49 2.34
CA VAL B 273 -15.86 -35.23 0.89
C VAL B 273 -14.59 -35.47 0.10
N LEU B 274 -13.46 -35.06 0.65
CA LEU B 274 -12.20 -35.01 -0.13
C LEU B 274 -11.15 -36.04 0.31
N GLY B 275 -11.44 -36.77 1.37
CA GLY B 275 -10.54 -37.82 1.88
C GLY B 275 -9.58 -37.26 2.91
N ILE B 276 -8.63 -38.10 3.33
CA ILE B 276 -7.58 -37.71 4.26
C ILE B 276 -6.56 -36.89 3.47
N PRO B 277 -6.13 -35.74 3.99
CA PRO B 277 -5.17 -34.97 3.20
C PRO B 277 -3.90 -35.78 2.93
N PRO B 278 -3.16 -35.46 1.86
CA PRO B 278 -1.93 -36.16 1.53
C PRO B 278 -0.93 -36.19 2.69
N ALA B 279 -0.15 -37.26 2.75
CA ALA B 279 0.89 -37.37 3.76
C ALA B 279 1.86 -36.18 3.71
N HIS B 280 2.22 -35.73 2.51
CA HIS B 280 3.29 -34.73 2.40
C HIS B 280 2.87 -33.40 3.02
N ILE B 281 1.57 -33.12 3.01
CA ILE B 281 1.06 -31.94 3.72
C ILE B 281 0.93 -32.17 5.23
N LEU B 282 0.32 -33.29 5.59
CA LEU B 282 0.18 -33.60 7.02
C LEU B 282 1.52 -33.63 7.75
N ASP B 283 2.58 -34.16 7.13
CA ASP B 283 3.91 -34.25 7.77
C ASP B 283 4.48 -32.86 8.10
N GLN B 284 4.07 -31.86 7.34
CA GLN B 284 4.50 -30.48 7.57
C GLN B 284 3.54 -29.65 8.44
N ALA B 285 2.34 -30.17 8.70
CA ALA B 285 1.32 -29.37 9.41
C ALA B 285 1.51 -29.37 10.91
N PRO B 286 1.68 -28.18 11.51
CA PRO B 286 1.89 -28.13 12.96
C PRO B 286 0.74 -28.64 13.79
N LYS B 287 -0.48 -28.47 13.31
CA LYS B 287 -1.64 -28.91 14.04
C LYS B 287 -2.30 -30.11 13.41
N ALA B 288 -1.56 -30.90 12.65
CA ALA B 288 -2.07 -32.20 12.29
C ALA B 288 -2.83 -32.86 13.47
N ARG B 289 -2.23 -32.86 14.65
CA ARG B 289 -2.70 -33.68 15.78
C ARG B 289 -3.96 -33.16 16.50
N LYS B 290 -4.40 -31.96 16.16
CA LYS B 290 -5.70 -31.50 16.64
C LYS B 290 -6.81 -32.38 16.04
N PHE B 291 -6.62 -32.79 14.79
CA PHE B 291 -7.61 -33.58 14.05
C PHE B 291 -7.16 -35.00 13.71
N PHE B 292 -5.85 -35.22 13.54
CA PHE B 292 -5.35 -36.48 12.99
C PHE B 292 -4.29 -37.16 13.87
N GLU B 293 -4.03 -38.43 13.57
CA GLU B 293 -3.01 -39.19 14.27
C GLU B 293 -2.12 -39.88 13.26
N LYS B 294 -0.82 -39.84 13.52
CA LYS B 294 0.18 -40.37 12.61
C LYS B 294 0.72 -41.63 13.22
N LEU B 295 0.54 -42.74 12.51
CA LEU B 295 1.01 -44.02 12.98
C LEU B 295 2.55 -44.13 12.82
N PRO B 296 3.22 -44.88 13.70
CA PRO B 296 4.68 -45.05 13.64
C PRO B 296 5.32 -45.33 12.26
N ASP B 297 4.49 -45.88 11.36
CA ASP B 297 4.87 -46.12 9.97
C ASP B 297 4.65 -44.95 9.00
N GLY B 298 4.25 -43.78 9.49
CA GLY B 298 4.07 -42.61 8.63
C GLY B 298 2.65 -42.27 8.16
N THR B 299 1.83 -43.30 7.95
CA THR B 299 0.51 -43.12 7.38
C THR B 299 -0.45 -42.45 8.40
N TRP B 300 -1.28 -41.52 7.92
CA TRP B 300 -2.11 -40.68 8.80
C TRP B 300 -3.59 -41.11 8.84
N ASN B 301 -4.22 -40.98 10.01
CA ASN B 301 -5.64 -41.32 10.24
C ASN B 301 -6.34 -40.31 11.13
N LEU B 302 -7.67 -40.31 11.06
CA LEU B 302 -8.53 -39.52 11.95
C LEU B 302 -8.41 -40.04 13.37
N LYS B 303 -8.47 -39.15 14.35
CA LYS B 303 -8.26 -39.51 15.74
C LYS B 303 -9.29 -40.53 16.26
N LYS B 304 -8.85 -41.38 17.20
CA LYS B 304 -9.71 -42.43 17.75
C LYS B 304 -10.51 -41.90 18.95
N ARG B 310 -18.10 -43.14 15.69
CA ARG B 310 -18.16 -42.96 14.24
C ARG B 310 -19.43 -42.19 13.85
N GLU B 311 -19.31 -40.85 13.81
CA GLU B 311 -20.42 -39.95 13.44
C GLU B 311 -20.35 -39.60 11.97
N TYR B 312 -19.13 -39.41 11.48
CA TYR B 312 -18.91 -38.93 10.14
C TYR B 312 -18.90 -40.11 9.19
N LYS B 313 -19.28 -39.87 7.95
CA LYS B 313 -19.16 -40.88 6.90
C LYS B 313 -17.68 -41.13 6.63
N PRO B 314 -17.31 -42.36 6.22
CA PRO B 314 -15.88 -42.62 5.97
C PRO B 314 -15.31 -41.61 4.99
N PRO B 315 -13.98 -41.38 5.04
CA PRO B 315 -13.39 -40.29 4.27
C PRO B 315 -13.56 -40.49 2.77
N GLY B 316 -13.82 -39.41 2.05
CA GLY B 316 -13.99 -39.43 0.60
C GLY B 316 -15.24 -40.12 0.07
N THR B 317 -16.16 -40.48 0.95
CA THR B 317 -17.35 -41.19 0.52
C THR B 317 -18.58 -40.26 0.32
N ARG B 318 -18.50 -39.02 0.76
CA ARG B 318 -19.55 -38.04 0.51
C ARG B 318 -19.21 -37.25 -0.76
N LYS B 319 -19.49 -37.84 -1.91
CA LYS B 319 -19.01 -37.29 -3.18
C LYS B 319 -19.76 -36.03 -3.56
N LEU B 320 -18.99 -35.04 -3.98
CA LEU B 320 -19.51 -33.82 -4.54
C LEU B 320 -20.40 -34.18 -5.73
N HIS B 321 -20.05 -35.24 -6.46
CA HIS B 321 -20.85 -35.75 -7.57
C HIS B 321 -22.30 -35.96 -7.17
N ASN B 322 -22.52 -36.41 -5.93
CA ASN B 322 -23.86 -36.67 -5.43
C ASN B 322 -24.48 -35.46 -4.69
N ILE B 323 -23.67 -34.70 -3.95
CA ILE B 323 -24.11 -33.45 -3.33
C ILE B 323 -24.69 -32.54 -4.41
N LEU B 324 -24.01 -32.41 -5.54
CA LEU B 324 -24.52 -31.56 -6.63
C LEU B 324 -25.61 -32.24 -7.45
N GLY B 325 -25.82 -33.53 -7.27
CA GLY B 325 -26.83 -34.25 -8.02
C GLY B 325 -26.58 -34.28 -9.52
N VAL B 326 -25.33 -34.49 -9.92
CA VAL B 326 -24.89 -34.47 -11.33
C VAL B 326 -25.73 -35.26 -12.33
N GLU B 327 -25.92 -36.53 -12.02
CA GLU B 327 -26.70 -37.41 -12.89
C GLU B 327 -28.12 -37.56 -12.39
N THR B 328 -28.44 -37.00 -11.22
CA THR B 328 -29.79 -37.13 -10.63
C THR B 328 -30.58 -35.82 -10.67
N GLY B 329 -30.28 -34.94 -11.61
CA GLY B 329 -31.07 -33.73 -11.82
C GLY B 329 -30.69 -32.53 -10.96
N GLY B 330 -29.42 -32.43 -10.58
CA GLY B 330 -28.96 -31.33 -9.75
C GLY B 330 -29.35 -31.45 -8.28
N PRO B 331 -29.09 -30.40 -7.48
CA PRO B 331 -29.45 -30.41 -6.06
C PRO B 331 -30.95 -30.69 -5.82
N GLY B 332 -31.26 -31.78 -5.13
CA GLY B 332 -32.66 -32.16 -4.89
C GLY B 332 -33.40 -32.62 -6.14
N GLY B 333 -32.68 -32.76 -7.25
CA GLY B 333 -33.29 -33.19 -8.51
C GLY B 333 -34.20 -32.13 -9.09
N ARG B 334 -33.98 -30.88 -8.68
CA ARG B 334 -34.86 -29.78 -9.03
C ARG B 334 -34.48 -29.14 -10.37
N ARG B 335 -33.29 -29.45 -10.87
CA ARG B 335 -32.85 -28.89 -12.17
C ARG B 335 -32.96 -29.92 -13.31
N ALA B 336 -33.77 -30.96 -13.12
CA ALA B 336 -33.99 -31.95 -14.18
C ALA B 336 -34.79 -31.33 -15.35
N GLY B 337 -34.11 -31.22 -16.50
CA GLY B 337 -34.74 -30.71 -17.71
C GLY B 337 -34.58 -29.21 -17.96
N GLU B 338 -34.00 -28.50 -17.01
CA GLU B 338 -33.70 -27.09 -17.22
C GLU B 338 -32.55 -27.01 -18.21
N SER B 339 -32.67 -26.06 -19.13
CA SER B 339 -31.55 -25.65 -19.98
C SER B 339 -30.33 -25.33 -19.10
N GLY B 340 -29.13 -25.50 -19.65
CA GLY B 340 -27.89 -25.20 -18.94
C GLY B 340 -27.50 -26.11 -17.77
N HIS B 341 -28.35 -27.10 -17.47
CA HIS B 341 -28.12 -28.03 -16.36
C HIS B 341 -27.98 -29.48 -16.83
N THR B 342 -27.17 -29.69 -17.86
CA THR B 342 -26.94 -31.04 -18.35
C THR B 342 -25.92 -31.72 -17.46
N VAL B 343 -25.91 -33.06 -17.51
CA VAL B 343 -24.87 -33.87 -16.88
C VAL B 343 -23.50 -33.32 -17.25
N ALA B 344 -23.33 -32.93 -18.52
CA ALA B 344 -22.06 -32.37 -19.00
C ALA B 344 -21.66 -31.11 -18.23
N ASP B 345 -22.62 -30.20 -18.12
CA ASP B 345 -22.42 -28.97 -17.39
C ASP B 345 -22.06 -29.28 -15.94
N TYR B 346 -22.94 -29.98 -15.25
CA TYR B 346 -22.66 -30.35 -13.87
C TYR B 346 -21.28 -31.02 -13.73
N LEU B 347 -20.86 -31.74 -14.76
CA LEU B 347 -19.52 -32.34 -14.77
C LEU B 347 -18.39 -31.29 -14.89
N LYS B 348 -18.62 -30.24 -15.67
CA LYS B 348 -17.65 -29.14 -15.73
C LYS B 348 -17.60 -28.38 -14.40
N PHE B 349 -18.76 -28.12 -13.81
CA PHE B 349 -18.85 -27.39 -12.54
C PHE B 349 -18.13 -28.21 -11.46
N LYS B 350 -18.44 -29.48 -11.40
CA LYS B 350 -17.84 -30.33 -10.38
C LYS B 350 -16.33 -30.34 -10.50
N ASP B 351 -15.86 -30.40 -11.73
CA ASP B 351 -14.45 -30.38 -12.01
C ASP B 351 -13.79 -29.09 -11.52
N LEU B 352 -14.34 -27.93 -11.90
CA LEU B 352 -13.78 -26.65 -11.47
C LEU B 352 -13.70 -26.64 -9.95
N ILE B 353 -14.78 -27.04 -9.29
CA ILE B 353 -14.79 -27.00 -7.82
C ILE B 353 -13.71 -27.91 -7.22
N LEU B 354 -13.54 -29.11 -7.78
CA LEU B 354 -12.54 -30.01 -7.23
C LEU B 354 -11.16 -29.40 -7.38
N ARG B 355 -10.92 -28.70 -8.49
CA ARG B 355 -9.67 -27.97 -8.66
C ARG B 355 -9.54 -26.83 -7.62
N MET B 356 -10.63 -26.13 -7.30
CA MET B 356 -10.61 -25.13 -6.22
C MET B 356 -10.46 -25.72 -4.82
N LEU B 357 -10.83 -26.99 -4.63
CA LEU B 357 -10.73 -27.66 -3.31
C LEU B 357 -9.58 -28.69 -3.24
N ASP B 358 -8.56 -28.47 -4.07
CA ASP B 358 -7.28 -29.18 -4.02
C ASP B 358 -6.66 -28.92 -2.65
N TYR B 359 -6.23 -29.99 -1.99
CA TYR B 359 -5.61 -29.89 -0.67
C TYR B 359 -4.28 -29.16 -0.73
N ASP B 360 -3.62 -29.25 -1.89
CA ASP B 360 -2.32 -28.66 -2.07
C ASP B 360 -2.51 -27.21 -2.52
N PRO B 361 -1.98 -26.25 -1.76
CA PRO B 361 -2.02 -24.86 -2.23
C PRO B 361 -1.10 -24.54 -3.40
N LYS B 362 -0.09 -25.35 -3.63
CA LYS B 362 0.83 -25.15 -4.74
C LYS B 362 0.17 -25.48 -6.08
N THR B 363 -0.73 -26.46 -6.10
CA THR B 363 -1.41 -26.91 -7.36
C THR B 363 -2.88 -26.55 -7.46
N ARG B 364 -3.46 -26.06 -6.38
CA ARG B 364 -4.86 -25.57 -6.36
C ARG B 364 -5.07 -24.52 -7.44
N ILE B 365 -6.16 -24.61 -8.18
CA ILE B 365 -6.32 -23.80 -9.38
C ILE B 365 -6.19 -22.33 -9.03
N GLN B 366 -5.54 -21.58 -9.89
CA GLN B 366 -5.31 -20.15 -9.69
C GLN B 366 -6.18 -19.41 -10.68
N PRO B 367 -6.53 -18.15 -10.36
CA PRO B 367 -7.57 -17.40 -11.03
C PRO B 367 -7.39 -17.36 -12.52
N TYR B 368 -6.18 -17.07 -12.95
CA TYR B 368 -5.91 -16.99 -14.35
C TYR B 368 -6.33 -18.27 -15.08
N TYR B 369 -6.05 -19.42 -14.48
CA TYR B 369 -6.43 -20.71 -15.12
C TYR B 369 -7.88 -21.06 -14.87
N ALA B 370 -8.40 -20.67 -13.71
CA ALA B 370 -9.80 -20.88 -13.43
C ALA B 370 -10.64 -20.25 -14.57
N LEU B 371 -10.32 -19.00 -14.91
CA LEU B 371 -11.02 -18.25 -15.96
C LEU B 371 -11.02 -18.94 -17.35
N GLN B 372 -10.07 -19.83 -17.55
CA GLN B 372 -9.95 -20.61 -18.80
C GLN B 372 -10.60 -22.02 -18.74
N HIS B 373 -11.20 -22.37 -17.60
CA HIS B 373 -11.81 -23.66 -17.43
C HIS B 373 -13.01 -23.80 -18.34
N SER B 374 -13.32 -25.04 -18.74
CA SER B 374 -14.42 -25.28 -19.69
C SER B 374 -15.80 -24.89 -19.15
N PHE B 375 -15.98 -24.91 -17.84
CA PHE B 375 -17.22 -24.39 -17.22
C PHE B 375 -17.62 -23.00 -17.73
N PHE B 376 -16.64 -22.16 -18.10
CA PHE B 376 -16.89 -20.79 -18.60
C PHE B 376 -16.96 -20.66 -20.11
N LYS B 377 -16.62 -21.74 -20.83
CA LYS B 377 -16.80 -21.72 -22.28
C LYS B 377 -18.31 -21.75 -22.59
N ALA C 1 -27.76 -21.18 11.54
CA ALA C 1 -26.50 -20.70 12.19
C ALA C 1 -25.48 -20.22 11.14
N ARG C 2 -24.78 -19.12 11.44
CA ARG C 2 -23.81 -18.54 10.50
C ARG C 2 -22.63 -17.91 11.23
N PRO C 3 -21.54 -18.66 11.37
CA PRO C 3 -20.25 -18.05 11.74
C PRO C 3 -19.64 -17.32 10.52
N GLY C 4 -19.08 -16.13 10.69
CA GLY C 4 -18.73 -15.57 11.99
C GLY C 4 -17.26 -15.26 11.92
N THR C 5 -16.94 -14.06 11.47
CA THR C 5 -15.55 -13.66 11.32
C THR C 5 -14.84 -13.73 12.68
N PRO C 6 -13.66 -14.41 12.71
CA PRO C 6 -12.76 -14.30 13.86
C PRO C 6 -12.55 -12.85 14.26
N ALA C 7 -12.59 -12.57 15.56
CA ALA C 7 -12.58 -11.19 16.02
C ALA C 7 -11.19 -10.75 16.50
N LEU C 8 -11.09 -9.46 16.80
CA LEU C 8 -9.97 -8.91 17.56
C LEU C 8 -10.22 -9.20 19.05
CAO D15 D . 11.96 24.47 6.34
CAY D15 D . 11.42 24.84 7.58
CL1 D15 D . 12.48 25.43 8.90
CAI D15 D . 10.07 24.76 7.82
CAH D15 D . 9.25 24.30 6.81
CAL D15 D . 9.74 23.94 5.58
CBB D15 D . 11.10 24.04 5.32
CBF D15 D . 11.61 23.64 3.99
CAR D15 D . 12.62 22.52 4.17
CAQ D15 D . 11.91 21.27 4.68
NAA D15 D . 12.91 20.27 4.91
CAX D15 D . 12.20 24.80 3.20
OAC D15 D . 13.41 25.07 3.19
NAT D15 D . 11.19 25.41 2.52
CAZ D15 D . 11.14 26.52 1.66
CAP D15 D . 9.89 26.90 1.14
CBE D15 D . 9.80 27.99 0.29
CAM D15 D . 12.26 27.27 1.35
CAN D15 D . 12.15 28.33 0.48
CBD D15 D . 10.93 28.70 -0.06
NAV D15 D . 10.58 29.71 -0.90
NAS D15 D . 9.20 29.64 -1.14
CBC D15 D . 8.75 28.62 -0.41
NAU D15 D . 7.41 28.29 -0.48
CAW D15 D . 6.65 27.77 0.50
OAB D15 D . 7.05 27.54 1.65
CBA D15 D . 5.21 27.45 0.21
CAJ D15 D . 4.73 27.47 -1.10
CAF D15 D . 3.38 27.16 -1.38
CAE D15 D . 2.53 26.80 -0.33
CAG D15 D . 3.00 26.75 0.98
CAK D15 D . 4.35 27.09 1.24
CAO D15 E . -19.63 -4.65 8.15
CAY D15 E . -19.75 -4.08 9.42
CL1 D15 E . -18.43 -3.17 10.25
CAI D15 E . -20.92 -4.17 10.14
CAH D15 E . -21.99 -4.86 9.60
CAL D15 E . -21.90 -5.41 8.33
CBB D15 E . -20.73 -5.30 7.57
CBF D15 E . -20.79 -5.99 6.23
CAR D15 E . -19.58 -6.90 6.06
CAQ D15 E . -19.78 -8.20 6.84
NAA D15 E . -18.51 -8.71 7.29
CAX D15 E . -21.16 -5.16 5.02
OAC D15 E . -22.15 -5.58 4.40
NAT D15 E . -20.51 -4.04 4.65
CAZ D15 E . -20.91 -3.22 3.53
CAP D15 E . -22.22 -3.08 3.03
CBE D15 E . -22.51 -2.19 1.96
CAM D15 E . -19.92 -2.44 2.89
CAN D15 E . -20.22 -1.60 1.82
CBD D15 E . -21.51 -1.48 1.33
NAV D15 E . -22.04 -0.73 0.32
NAS D15 E . -23.42 -0.95 0.24
CBC D15 E . -23.66 -1.81 1.23
NAU D15 E . -24.96 -2.28 1.35
CAW D15 E . -25.56 -2.61 2.48
OAB D15 E . -25.02 -2.50 3.57
CBA D15 E . -26.97 -3.11 2.44
CAJ D15 E . -27.56 -3.43 1.22
CAF D15 E . -28.87 -3.93 1.17
CAE D15 E . -29.59 -4.09 2.35
CAG D15 E . -29.01 -3.79 3.58
CAK D15 E . -27.70 -3.32 3.62
CL CL F . -17.37 -3.56 5.10
#